data_1PO2
#
_entry.id   1PO2
#
_cell.length_a   322.940
_cell.length_b   358.040
_cell.length_c   380.150
_cell.angle_alpha   90.00
_cell.angle_beta   90.00
_cell.angle_gamma   90.00
#
_symmetry.space_group_name_H-M   'P 21 21 2'
#
loop_
_entity.id
_entity.type
_entity.pdbx_description
1 polymer 'POLIOVIRUS TYPE 1 MAHONEY'
2 polymer 'POLIOVIRUS TYPE 1 MAHONEY'
3 polymer 'POLIOVIRUS TYPE 1 MAHONEY'
4 polymer 'POLIOVIRUS TYPE 1 MAHONEY'
5 polymer 'POLIOVIRUS TYPE 1 MAHONEY'
6 non-polymer '(METHYLPYRIDAZINE PIPERIDINE ETHYLOXYPHENYL)ETHYLACETATE'
7 non-polymer 'MYRISTIC ACID'
#
loop_
_entity_poly.entity_id
_entity_poly.type
_entity_poly.pdbx_seq_one_letter_code
_entity_poly.pdbx_strand_id
1 'polypeptide(L)' GSSST 0
2 'polypeptide(L)'
;GLGQMLESMIDNTVRETVGAATSRDALPNTEASGPTHSKEIPALTAVETGATNPLVPSDTVQTRHVVQHRSRSESSIESF
FARGACVTIMTVDNPASTTNKDKLFAVWKITYKDTVQLRRKLEFFTYSRFDMELTFVVTANFTETNNGHALNQVYQIMYV
PPGAPVPEKWDDYTWQTSSNPSIFYTYGTAPARISVPYVGISNAYSHFYDGFSKVPLKDQSAALGDSLYGAASLNDFGIL
AVRVVNDHNPTKVTSKIRVYLKPKHIRVWCPRPPRAVAYYGPGVDYKDGTLTPLSTKDLTTY
;
1
3 'polypeptide(L)'
;SPNIEACGYSDRVLQLTLGNSTITTQEAANSVVAYGRWPEYLRDSEANPVDQPTEPDVAACRFYTLDTVSWTKESRGWWW
KLPDALRDMGLFGQNMYYHYLGRSGYTVHVQCNASKFHQGALGVFAVPEMCLAGDSNTTTMHTSYQNANPGEKGGTFTGT
FTPDNNQTSPARRFCPVDYLLGNGTLLGNAFVFPHQIINLRTNNCATLVLPYVNSLSIDSMVKHNNWGIAILPLAPLNFA
SESSPEIPITLTIAPMCCEFNGLRNITLPRLQ
;
2
4 'polypeptide(L)'
;GLPVMNTPGSNQYLTADNFQSPCALPEFDVTPPIDIPGEVKNMMELAEIDTMIPFDLSATKKNTMEMYRVRLSDKPHTDD
PILCLSLSPASDPRLSHTMLGEILNYYTHWAGSLKFTFLFCGSMMATGKLLVSYAPPGADPPKKRKEAMLGTHVIWDIGL
QSSCTMVVPWISNTTYRQTIDDSFTEGGYISVFYQTRIVVPLSTPREMDILGFVSACNDFSVRLLRDTTHIEQKALAQ
;
3
5 'polypeptide(L)' GAQVSSQKVGAHENSNRAYGGSTINYTTINYYRDSASNAASKQDFSQDPSKFTEPIKDVLIKTAPMLN 4
#
loop_
_chem_comp.id
_chem_comp.type
_chem_comp.name
_chem_comp.formula
J77 non-polymer '(METHYLPYRIDAZINE PIPERIDINE ETHYLOXYPHENYL)ETHYLACETATE' 'C21 H27 N3 O3'
MYR non-polymer 'MYRISTIC ACID' 'C14 H28 O2'
#
# COMPACT_ATOMS: atom_id res chain seq x y z
N GLY A 1 15.55 -22.25 -34.71
CA GLY A 1 16.90 -21.77 -34.45
C GLY A 1 17.09 -20.78 -33.28
N SER A 2 17.96 -19.77 -33.44
CA SER A 2 18.24 -18.80 -32.40
C SER A 2 17.26 -17.62 -32.37
N SER A 3 16.35 -17.42 -31.41
CA SER A 3 15.58 -16.17 -31.39
C SER A 3 16.41 -15.03 -30.75
N SER A 4 16.97 -14.14 -31.56
CA SER A 4 17.74 -13.01 -31.01
C SER A 4 16.93 -11.86 -30.42
N THR A 5 17.53 -11.01 -29.59
CA THR A 5 16.83 -9.89 -28.97
C THR A 5 17.71 -8.62 -28.87
N ALA B 20 7.19 1.34 -24.14
CA ALA B 20 8.53 1.04 -24.65
C ALA B 20 9.67 1.42 -23.68
N ALA B 21 9.34 2.08 -22.56
CA ALA B 21 10.37 2.38 -21.57
C ALA B 21 10.75 1.17 -20.74
N THR B 22 11.95 0.62 -20.92
CA THR B 22 12.48 -0.45 -20.07
C THR B 22 12.84 -0.03 -18.64
N SER B 23 12.62 -0.88 -17.65
CA SER B 23 13.06 -0.66 -16.24
C SER B 23 14.53 -0.27 -16.07
N ARG B 24 15.42 -0.94 -16.81
CA ARG B 24 16.80 -0.57 -16.84
C ARG B 24 17.17 0.60 -17.76
N ASP B 25 16.22 1.36 -18.31
CA ASP B 25 16.57 2.59 -19.04
C ASP B 25 17.02 3.69 -18.09
N ALA B 26 17.94 4.52 -18.52
CA ALA B 26 18.34 5.65 -17.72
C ALA B 26 17.24 6.69 -17.53
N LEU B 27 17.22 7.29 -16.35
CA LEU B 27 16.27 8.33 -15.99
C LEU B 27 16.51 9.64 -16.76
N PRO B 28 15.59 10.61 -16.85
CA PRO B 28 15.79 11.82 -17.64
C PRO B 28 16.97 12.70 -17.27
N ASN B 29 17.62 13.25 -18.29
CA ASN B 29 18.70 14.21 -18.12
C ASN B 29 18.26 15.53 -17.51
N THR B 30 19.10 16.11 -16.69
CA THR B 30 18.82 17.45 -16.18
C THR B 30 19.21 18.46 -17.23
N GLU B 31 18.24 19.27 -17.56
CA GLU B 31 18.46 20.33 -18.52
C GLU B 31 18.94 21.64 -17.90
N ALA B 32 19.85 22.33 -18.59
CA ALA B 32 20.28 23.62 -18.08
C ALA B 32 19.15 24.63 -18.06
N SER B 33 19.01 25.34 -16.96
CA SER B 33 17.97 26.34 -16.78
C SER B 33 18.47 27.65 -16.23
N GLY B 34 18.06 28.76 -16.82
CA GLY B 34 18.54 30.08 -16.44
C GLY B 34 17.64 30.90 -15.51
N PRO B 35 17.86 32.21 -15.30
CA PRO B 35 17.00 33.03 -14.47
C PRO B 35 15.57 33.22 -14.98
N THR B 36 14.62 33.55 -14.11
CA THR B 36 13.22 33.77 -14.49
C THR B 36 12.52 34.98 -13.88
N HIS B 37 11.76 35.75 -14.64
CA HIS B 37 10.92 36.85 -14.14
C HIS B 37 9.61 36.70 -14.91
N SER B 38 8.72 35.82 -14.49
CA SER B 38 7.55 35.44 -15.28
C SER B 38 6.23 35.28 -14.54
N LYS B 39 5.14 35.16 -15.29
CA LYS B 39 3.81 34.89 -14.77
C LYS B 39 3.50 33.40 -14.58
N GLU B 40 4.40 32.54 -15.04
CA GLU B 40 4.30 31.11 -14.82
C GLU B 40 4.67 30.76 -13.39
N ILE B 41 3.82 30.05 -12.67
CA ILE B 41 4.06 29.76 -11.27
C ILE B 41 4.24 28.30 -10.83
N PRO B 42 5.22 27.52 -11.31
CA PRO B 42 5.37 26.10 -10.97
C PRO B 42 5.41 25.74 -9.49
N ALA B 43 5.98 26.61 -8.68
CA ALA B 43 6.09 26.40 -7.24
C ALA B 43 4.77 26.45 -6.48
N LEU B 44 3.82 27.24 -6.96
CA LEU B 44 2.53 27.37 -6.32
C LEU B 44 1.52 26.37 -6.84
N THR B 45 0.85 25.70 -5.94
CA THR B 45 -0.08 24.65 -6.29
C THR B 45 -1.21 24.46 -5.27
N ALA B 46 -2.02 23.41 -5.40
CA ALA B 46 -3.10 23.13 -4.49
C ALA B 46 -3.31 21.62 -4.33
N VAL B 47 -2.73 21.05 -3.28
CA VAL B 47 -2.78 19.61 -3.05
C VAL B 47 -4.17 19.05 -2.74
N GLU B 48 -5.11 19.94 -2.49
CA GLU B 48 -6.51 19.59 -2.26
C GLU B 48 -7.13 18.82 -3.42
N THR B 49 -6.65 19.12 -4.61
CA THR B 49 -7.06 18.48 -5.85
C THR B 49 -6.85 16.98 -5.87
N GLY B 50 -5.92 16.50 -5.06
CA GLY B 50 -5.55 15.08 -5.03
C GLY B 50 -4.28 14.80 -5.81
N ALA B 51 -3.76 15.79 -6.51
CA ALA B 51 -2.53 15.63 -7.28
C ALA B 51 -1.22 16.04 -6.61
N THR B 52 -0.13 15.41 -7.01
CA THR B 52 1.22 15.71 -6.54
C THR B 52 1.84 16.61 -7.60
N ASN B 53 2.44 17.73 -7.20
CA ASN B 53 3.05 18.69 -8.13
C ASN B 53 4.27 18.18 -8.89
N PRO B 54 4.28 18.02 -10.22
CA PRO B 54 5.30 17.27 -10.98
C PRO B 54 6.59 18.08 -11.16
N LEU B 55 7.16 18.67 -10.14
CA LEU B 55 8.31 19.54 -10.32
C LEU B 55 9.69 18.90 -10.37
N VAL B 56 10.51 19.44 -11.23
CA VAL B 56 11.91 19.06 -11.27
C VAL B 56 12.79 20.23 -10.78
N PRO B 57 14.05 20.11 -10.36
CA PRO B 57 14.85 21.24 -9.85
C PRO B 57 14.92 22.48 -10.74
N SER B 58 14.98 22.34 -12.05
CA SER B 58 14.96 23.48 -12.98
C SER B 58 13.70 24.32 -12.95
N ASP B 59 12.66 23.92 -12.21
CA ASP B 59 11.49 24.76 -12.02
C ASP B 59 11.63 25.81 -10.93
N THR B 60 12.45 25.51 -9.93
CA THR B 60 12.63 26.40 -8.81
C THR B 60 14.06 26.88 -8.59
N VAL B 61 15.06 26.27 -9.20
CA VAL B 61 16.45 26.75 -9.10
C VAL B 61 17.18 26.75 -10.44
N GLN B 62 18.25 27.53 -10.62
CA GLN B 62 19.04 27.44 -11.85
C GLN B 62 19.88 26.17 -11.92
N THR B 63 19.75 25.44 -12.99
CA THR B 63 20.42 24.15 -13.14
C THR B 63 21.38 24.02 -14.30
N ARG B 64 22.37 23.16 -14.18
CA ARG B 64 23.29 22.88 -15.27
C ARG B 64 22.80 21.66 -16.09
N HIS B 65 23.47 21.34 -17.18
CA HIS B 65 23.09 20.15 -17.92
C HIS B 65 23.77 18.90 -17.37
N VAL B 66 23.00 17.94 -16.93
CA VAL B 66 23.56 16.68 -16.50
C VAL B 66 23.08 15.53 -17.38
N VAL B 67 23.97 14.69 -17.88
CA VAL B 67 23.58 13.51 -18.63
C VAL B 67 23.41 12.37 -17.64
N GLN B 68 22.16 12.06 -17.35
CA GLN B 68 21.82 11.02 -16.39
C GLN B 68 22.08 9.59 -16.84
N HIS B 69 22.66 8.84 -15.92
CA HIS B 69 22.96 7.43 -16.15
C HIS B 69 22.25 6.45 -15.24
N ARG B 70 21.63 6.91 -14.16
CA ARG B 70 20.98 6.04 -13.23
C ARG B 70 19.70 5.40 -13.73
N SER B 71 19.40 4.24 -13.19
CA SER B 71 18.25 3.45 -13.62
C SER B 71 17.40 2.95 -12.48
N ARG B 72 16.13 2.70 -12.75
CA ARG B 72 15.26 2.09 -11.75
C ARG B 72 15.11 0.57 -11.84
N SER B 73 16.02 -0.09 -12.53
CA SER B 73 16.08 -1.53 -12.71
C SER B 73 15.86 -2.39 -11.47
N GLU B 74 16.56 -2.10 -10.40
CA GLU B 74 16.40 -2.87 -9.17
C GLU B 74 15.15 -2.60 -8.34
N SER B 75 14.39 -1.53 -8.63
CA SER B 75 13.13 -1.31 -7.91
C SER B 75 11.91 -1.70 -8.73
N SER B 76 12.14 -2.42 -9.82
CA SER B 76 11.02 -3.02 -10.57
C SER B 76 10.26 -4.03 -9.72
N ILE B 77 8.96 -4.29 -9.86
CA ILE B 77 8.27 -5.27 -9.01
C ILE B 77 8.96 -6.65 -8.94
N GLU B 78 9.43 -7.20 -10.07
CA GLU B 78 10.20 -8.45 -10.08
C GLU B 78 11.40 -8.35 -9.18
N SER B 79 12.22 -7.33 -9.43
CA SER B 79 13.46 -7.16 -8.68
C SER B 79 13.26 -7.00 -7.19
N PHE B 80 12.22 -6.26 -6.80
CA PHE B 80 11.89 -6.09 -5.40
C PHE B 80 11.53 -7.42 -4.71
N PHE B 81 10.87 -8.33 -5.41
CA PHE B 81 10.50 -9.63 -4.88
C PHE B 81 11.38 -10.82 -5.25
N ALA B 82 12.38 -10.64 -6.10
CA ALA B 82 13.21 -11.73 -6.59
C ALA B 82 14.24 -12.28 -5.64
N ARG B 83 13.72 -12.84 -4.57
CA ARG B 83 14.53 -13.34 -3.49
C ARG B 83 13.74 -14.44 -2.78
N GLY B 84 14.35 -15.56 -2.40
CA GLY B 84 13.65 -16.61 -1.67
C GLY B 84 13.51 -16.28 -0.18
N ALA B 85 12.31 -16.07 0.28
CA ALA B 85 12.06 -15.72 1.68
C ALA B 85 11.57 -16.85 2.58
N CYS B 86 12.03 -16.99 3.81
CA CYS B 86 11.50 -18.04 4.69
C CYS B 86 10.06 -17.86 5.15
N VAL B 87 9.18 -18.76 4.74
CA VAL B 87 7.80 -18.69 5.15
C VAL B 87 7.37 -19.66 6.24
N THR B 88 8.19 -20.66 6.59
CA THR B 88 7.88 -21.61 7.67
C THR B 88 8.99 -22.59 7.99
N ILE B 89 8.99 -23.13 9.21
CA ILE B 89 9.94 -24.18 9.59
C ILE B 89 9.13 -25.39 10.11
N MET B 90 9.16 -26.47 9.35
CA MET B 90 8.46 -27.70 9.71
C MET B 90 9.32 -28.68 10.51
N THR B 91 8.84 -29.23 11.61
CA THR B 91 9.61 -30.24 12.37
C THR B 91 9.09 -31.64 12.24
N VAL B 92 9.96 -32.57 11.88
CA VAL B 92 9.61 -33.98 11.85
C VAL B 92 10.62 -34.83 12.62
N ASP B 93 10.31 -36.08 12.95
CA ASP B 93 11.34 -36.95 13.52
C ASP B 93 11.26 -38.42 13.14
N ASN B 94 12.21 -39.20 13.58
CA ASN B 94 12.15 -40.64 13.41
C ASN B 94 12.72 -41.29 14.68
N PRO B 95 11.83 -41.72 15.59
CA PRO B 95 12.17 -42.23 16.91
C PRO B 95 12.51 -43.70 16.92
N ALA B 96 12.89 -44.19 18.10
CA ALA B 96 13.06 -45.65 18.30
C ALA B 96 11.74 -46.40 18.18
N SER B 97 11.70 -47.66 17.71
CA SER B 97 10.39 -48.36 17.60
C SER B 97 9.68 -48.50 18.94
N THR B 98 10.48 -48.76 19.95
CA THR B 98 10.03 -48.89 21.33
C THR B 98 9.46 -47.66 22.00
N THR B 99 9.42 -46.46 21.43
CA THR B 99 8.95 -45.33 22.23
C THR B 99 7.44 -45.31 22.33
N ASN B 100 6.96 -44.75 23.43
CA ASN B 100 5.52 -44.60 23.59
C ASN B 100 4.92 -43.41 22.83
N LYS B 101 5.72 -42.48 22.29
CA LYS B 101 5.14 -41.40 21.50
C LYS B 101 5.13 -41.69 20.02
N ASP B 102 4.09 -41.28 19.29
CA ASP B 102 4.06 -41.44 17.86
C ASP B 102 5.17 -40.79 17.04
N LYS B 103 5.60 -41.40 15.94
CA LYS B 103 6.54 -40.76 15.04
C LYS B 103 5.91 -39.51 14.43
N LEU B 104 6.55 -38.40 14.71
CA LEU B 104 6.10 -37.11 14.27
C LEU B 104 6.29 -36.77 12.79
N PHE B 105 5.15 -36.64 12.12
CA PHE B 105 5.15 -36.13 10.77
C PHE B 105 4.56 -34.72 10.80
N ALA B 106 4.95 -33.83 9.92
CA ALA B 106 4.48 -32.45 9.96
C ALA B 106 3.34 -32.07 9.02
N VAL B 107 2.40 -31.28 9.48
CA VAL B 107 1.32 -30.75 8.64
C VAL B 107 1.34 -29.22 8.66
N TRP B 108 1.51 -28.56 7.55
CA TRP B 108 1.55 -27.10 7.48
C TRP B 108 0.49 -26.52 6.56
N LYS B 109 -0.37 -25.69 7.09
CA LYS B 109 -1.35 -24.97 6.27
C LYS B 109 -0.60 -23.89 5.49
N ILE B 110 -0.53 -24.04 4.18
CA ILE B 110 0.27 -23.14 3.34
C ILE B 110 -0.14 -21.66 3.29
N THR B 111 0.80 -20.80 3.62
CA THR B 111 0.58 -19.36 3.58
C THR B 111 1.84 -18.52 3.59
N TYR B 112 1.79 -17.26 3.12
CA TYR B 112 2.93 -16.36 3.33
C TYR B 112 2.84 -15.58 4.65
N LYS B 113 1.78 -15.80 5.41
CA LYS B 113 1.53 -15.04 6.64
C LYS B 113 2.06 -15.60 7.95
N ASP B 114 2.80 -16.71 7.97
CA ASP B 114 3.33 -17.17 9.26
C ASP B 114 4.62 -16.52 9.72
N THR B 115 5.29 -15.86 8.79
CA THR B 115 6.47 -15.08 9.10
C THR B 115 6.18 -13.63 8.70
N VAL B 116 6.90 -12.63 9.19
CA VAL B 116 6.55 -11.25 8.87
C VAL B 116 7.19 -10.57 7.67
N GLN B 117 8.44 -10.90 7.30
CA GLN B 117 9.12 -10.13 6.24
C GLN B 117 8.57 -10.12 4.81
N LEU B 118 8.36 -11.25 4.16
CA LEU B 118 7.76 -11.28 2.83
C LEU B 118 6.32 -10.80 2.89
N ARG B 119 5.57 -11.15 3.95
CA ARG B 119 4.21 -10.65 4.13
C ARG B 119 4.15 -9.11 4.02
N ARG B 120 5.05 -8.41 4.71
CA ARG B 120 5.08 -6.96 4.62
C ARG B 120 5.36 -6.43 3.22
N LYS B 121 6.32 -7.02 2.51
CA LYS B 121 6.58 -6.63 1.13
C LYS B 121 5.36 -6.87 0.22
N LEU B 122 4.71 -8.04 0.26
CA LEU B 122 3.52 -8.26 -0.54
C LEU B 122 2.36 -7.34 -0.19
N GLU B 123 2.25 -6.98 1.08
CA GLU B 123 1.20 -6.09 1.55
C GLU B 123 1.34 -4.61 1.24
N PHE B 124 2.40 -4.26 0.50
CA PHE B 124 2.48 -2.93 -0.11
C PHE B 124 1.41 -2.83 -1.19
N PHE B 125 0.83 -3.96 -1.60
CA PHE B 125 -0.18 -3.99 -2.65
C PHE B 125 -1.45 -4.75 -2.25
N THR B 126 -2.61 -4.35 -2.79
CA THR B 126 -3.86 -5.01 -2.46
C THR B 126 -4.03 -6.37 -3.15
N TYR B 127 -3.63 -6.44 -4.41
CA TYR B 127 -3.79 -7.67 -5.19
C TYR B 127 -2.54 -8.12 -5.92
N SER B 128 -2.39 -9.39 -6.22
CA SER B 128 -1.22 -9.86 -6.96
C SER B 128 -1.38 -11.15 -7.73
N ARG B 129 -0.66 -11.29 -8.82
CA ARG B 129 -0.57 -12.55 -9.57
C ARG B 129 0.89 -12.96 -9.65
N PHE B 130 1.21 -14.20 -9.36
CA PHE B 130 2.59 -14.66 -9.53
C PHE B 130 2.70 -16.17 -9.66
N ASP B 131 3.74 -16.63 -10.32
CA ASP B 131 4.07 -18.03 -10.27
C ASP B 131 4.95 -18.19 -9.02
N MET B 132 4.97 -19.34 -8.39
CA MET B 132 5.76 -19.47 -7.20
C MET B 132 6.85 -20.51 -7.19
N GLU B 133 8.04 -20.10 -6.82
CA GLU B 133 9.11 -21.07 -6.65
C GLU B 133 9.32 -21.44 -5.17
N LEU B 134 9.16 -22.71 -4.85
CA LEU B 134 9.39 -23.21 -3.51
C LEU B 134 10.69 -24.00 -3.38
N THR B 135 11.55 -23.55 -2.49
CA THR B 135 12.82 -24.22 -2.22
C THR B 135 12.87 -24.75 -0.78
N PHE B 136 13.31 -25.99 -0.60
CA PHE B 136 13.30 -26.62 0.71
C PHE B 136 14.66 -26.95 1.32
N VAL B 137 15.05 -26.30 2.42
CA VAL B 137 16.31 -26.61 3.11
C VAL B 137 16.07 -27.56 4.28
N VAL B 138 16.70 -28.74 4.22
CA VAL B 138 16.50 -29.74 5.26
C VAL B 138 17.74 -30.02 6.09
N THR B 139 17.62 -29.84 7.39
CA THR B 139 18.70 -30.11 8.33
C THR B 139 18.27 -31.07 9.41
N ALA B 140 19.15 -31.93 9.88
CA ALA B 140 18.81 -32.86 10.96
C ALA B 140 19.85 -32.90 12.05
N ASN B 141 19.50 -33.41 13.22
CA ASN B 141 20.43 -33.57 14.32
C ASN B 141 20.04 -34.66 15.30
N PHE B 142 20.99 -35.05 16.15
CA PHE B 142 20.74 -36.01 17.18
C PHE B 142 20.13 -35.37 18.42
N THR B 143 19.23 -36.10 19.11
CA THR B 143 18.57 -35.52 20.29
C THR B 143 19.16 -35.95 21.63
N GLU B 144 19.52 -37.21 21.77
CA GLU B 144 20.02 -37.72 23.04
C GLU B 144 21.52 -37.87 23.19
N THR B 145 22.11 -37.74 24.39
CA THR B 145 23.56 -37.97 24.61
C THR B 145 24.05 -39.42 24.41
N ASN B 146 23.15 -40.17 23.82
CA ASN B 146 23.31 -41.48 23.20
C ASN B 146 24.52 -41.64 22.27
N ASN B 147 24.89 -42.82 21.79
CA ASN B 147 25.96 -42.90 20.82
C ASN B 147 25.72 -43.69 19.54
N GLY B 148 24.47 -44.08 19.32
CA GLY B 148 24.10 -44.79 18.11
C GLY B 148 24.21 -44.01 16.79
N HIS B 149 23.61 -44.48 15.72
CA HIS B 149 23.70 -43.82 14.43
C HIS B 149 22.38 -43.88 13.70
N ALA B 150 22.34 -43.13 12.62
CA ALA B 150 21.22 -43.15 11.73
C ALA B 150 21.81 -43.28 10.33
N LEU B 151 21.23 -44.08 9.46
CA LEU B 151 21.68 -44.06 8.07
C LEU B 151 21.02 -42.87 7.35
N ASN B 152 21.41 -42.53 6.13
CA ASN B 152 20.85 -41.33 5.49
C ASN B 152 19.33 -41.32 5.31
N GLN B 153 18.69 -40.26 5.78
CA GLN B 153 17.25 -40.13 5.68
C GLN B 153 16.67 -39.63 4.37
N VAL B 154 15.58 -40.23 3.92
CA VAL B 154 14.83 -39.70 2.79
C VAL B 154 13.51 -39.14 3.34
N TYR B 155 13.16 -37.95 2.87
CA TYR B 155 11.98 -37.23 3.31
C TYR B 155 10.89 -37.15 2.24
N GLN B 156 9.64 -37.31 2.60
CA GLN B 156 8.55 -37.11 1.65
C GLN B 156 7.76 -35.86 1.99
N ILE B 157 7.71 -34.94 1.03
CA ILE B 157 6.94 -33.71 1.13
C ILE B 157 5.73 -33.84 0.20
N MET B 158 4.57 -34.13 0.75
CA MET B 158 3.34 -34.30 -0.04
C MET B 158 2.42 -33.09 0.05
N TYR B 159 1.97 -32.58 -1.08
CA TYR B 159 0.97 -31.54 -1.09
C TYR B 159 -0.44 -32.15 -1.03
N VAL B 160 -1.22 -31.78 -0.04
CA VAL B 160 -2.58 -32.28 0.09
C VAL B 160 -3.54 -31.12 -0.18
N PRO B 161 -4.13 -31.05 -1.39
CA PRO B 161 -5.05 -29.96 -1.76
C PRO B 161 -6.41 -30.08 -1.06
N PRO B 162 -7.19 -29.03 -0.80
CA PRO B 162 -8.43 -29.14 -0.04
C PRO B 162 -9.44 -30.10 -0.65
N GLY B 163 -9.72 -31.13 0.13
CA GLY B 163 -10.62 -32.21 -0.29
C GLY B 163 -9.96 -33.55 -0.13
N ALA B 164 -8.68 -33.60 -0.44
CA ALA B 164 -7.89 -34.80 -0.33
C ALA B 164 -7.68 -35.33 1.09
N PRO B 165 -7.56 -36.64 1.36
CA PRO B 165 -7.37 -37.15 2.71
C PRO B 165 -6.09 -36.68 3.41
N VAL B 166 -6.22 -35.95 4.50
CA VAL B 166 -5.06 -35.55 5.28
C VAL B 166 -4.48 -36.71 6.08
N PRO B 167 -3.18 -36.95 6.11
CA PRO B 167 -2.61 -38.02 6.91
C PRO B 167 -2.83 -37.90 8.41
N GLU B 168 -3.13 -39.05 9.00
CA GLU B 168 -3.25 -39.18 10.45
C GLU B 168 -2.09 -39.89 11.13
N LYS B 169 -1.41 -40.73 10.36
CA LYS B 169 -0.25 -41.47 10.80
C LYS B 169 0.90 -41.32 9.80
N TRP B 170 2.16 -41.31 10.25
CA TRP B 170 3.32 -41.23 9.34
C TRP B 170 3.32 -42.28 8.22
N ASP B 171 2.69 -43.41 8.46
CA ASP B 171 2.66 -44.49 7.49
C ASP B 171 1.29 -44.97 7.01
N ASP B 172 0.27 -44.11 6.96
CA ASP B 172 -1.00 -44.59 6.46
C ASP B 172 -1.15 -44.54 4.96
N TYR B 173 -2.22 -45.08 4.38
CA TYR B 173 -2.41 -45.11 2.92
C TYR B 173 -2.26 -43.81 2.14
N THR B 174 -2.47 -42.65 2.76
CA THR B 174 -2.46 -41.39 2.02
C THR B 174 -1.12 -41.04 1.41
N TRP B 175 -0.05 -41.45 2.08
CA TRP B 175 1.30 -41.24 1.58
C TRP B 175 1.60 -41.96 0.27
N GLN B 176 0.68 -42.78 -0.24
CA GLN B 176 0.80 -43.37 -1.58
C GLN B 176 0.87 -42.38 -2.73
N THR B 177 0.33 -41.17 -2.53
CA THR B 177 0.28 -40.10 -3.54
C THR B 177 -0.01 -40.40 -4.98
N SER B 178 -1.05 -41.16 -5.28
CA SER B 178 -1.31 -41.47 -6.69
C SER B 178 -1.67 -40.26 -7.53
N SER B 179 -2.26 -39.28 -6.85
CA SER B 179 -2.63 -38.07 -7.54
C SER B 179 -2.07 -36.81 -6.92
N ASN B 180 -1.80 -36.75 -5.62
CA ASN B 180 -1.18 -35.57 -5.02
C ASN B 180 0.28 -35.40 -5.45
N PRO B 181 0.83 -34.21 -5.71
CA PRO B 181 2.26 -34.05 -5.95
C PRO B 181 3.12 -34.26 -4.71
N SER B 182 4.09 -35.15 -4.82
CA SER B 182 5.06 -35.39 -3.76
C SER B 182 6.52 -35.19 -4.15
N ILE B 183 7.35 -34.72 -3.24
CA ILE B 183 8.80 -34.63 -3.46
C ILE B 183 9.48 -35.61 -2.52
N PHE B 184 10.32 -36.46 -3.06
CA PHE B 184 11.18 -37.32 -2.26
C PHE B 184 12.60 -36.76 -2.21
N TYR B 185 12.93 -36.18 -1.05
CA TYR B 185 14.20 -35.55 -0.83
C TYR B 185 15.22 -36.41 -0.10
N THR B 186 16.43 -36.51 -0.64
CA THR B 186 17.51 -37.27 0.01
C THR B 186 18.41 -36.36 0.84
N TYR B 187 18.59 -36.62 2.12
CA TYR B 187 19.44 -35.80 2.98
C TYR B 187 20.85 -35.58 2.45
N GLY B 188 21.35 -34.35 2.50
CA GLY B 188 22.71 -34.13 2.06
C GLY B 188 22.82 -33.71 0.60
N THR B 189 21.76 -33.94 -0.20
CA THR B 189 21.80 -33.46 -1.58
C THR B 189 21.42 -32.00 -1.70
N ALA B 190 21.55 -31.36 -2.88
CA ALA B 190 21.18 -29.95 -3.03
C ALA B 190 19.75 -29.69 -2.59
N PRO B 191 19.38 -28.57 -1.98
CA PRO B 191 18.02 -28.36 -1.52
C PRO B 191 16.95 -28.52 -2.56
N ALA B 192 15.86 -29.21 -2.21
CA ALA B 192 14.75 -29.46 -3.14
C ALA B 192 14.05 -28.22 -3.70
N ARG B 193 13.58 -28.24 -4.93
CA ARG B 193 12.91 -27.09 -5.50
C ARG B 193 11.83 -27.43 -6.51
N ILE B 194 10.69 -26.78 -6.36
CA ILE B 194 9.61 -26.89 -7.35
C ILE B 194 8.99 -25.55 -7.73
N SER B 195 8.34 -25.50 -8.89
CA SER B 195 7.56 -24.34 -9.29
C SER B 195 6.06 -24.66 -9.26
N VAL B 196 5.26 -23.66 -8.93
CA VAL B 196 3.81 -23.77 -8.89
C VAL B 196 3.21 -22.69 -9.77
N PRO B 197 2.19 -22.98 -10.61
CA PRO B 197 1.51 -21.97 -11.42
C PRO B 197 0.70 -20.97 -10.60
N TYR B 198 0.05 -19.96 -11.20
CA TYR B 198 -0.88 -19.14 -10.44
C TYR B 198 -2.12 -19.99 -10.15
N VAL B 199 -2.28 -20.48 -8.92
CA VAL B 199 -3.38 -21.38 -8.56
C VAL B 199 -4.70 -20.81 -7.98
N GLY B 200 -4.88 -19.51 -7.99
CA GLY B 200 -6.05 -18.89 -7.42
C GLY B 200 -7.36 -19.09 -8.18
N ILE B 201 -8.48 -19.17 -7.46
CA ILE B 201 -9.81 -19.22 -8.08
C ILE B 201 -10.42 -17.86 -8.39
N SER B 202 -9.58 -16.86 -8.21
CA SER B 202 -9.87 -15.47 -8.56
C SER B 202 -8.94 -15.02 -9.67
N ASN B 203 -9.12 -13.87 -10.28
CA ASN B 203 -8.19 -13.42 -11.31
C ASN B 203 -6.87 -12.87 -10.77
N ALA B 204 -6.83 -12.73 -9.47
CA ALA B 204 -5.65 -12.29 -8.74
C ALA B 204 -5.73 -12.67 -7.29
N TYR B 205 -4.60 -12.92 -6.62
CA TYR B 205 -4.60 -13.15 -5.18
C TYR B 205 -5.01 -11.89 -4.41
N SER B 206 -6.01 -11.99 -3.56
CA SER B 206 -6.39 -10.89 -2.67
C SER B 206 -5.56 -10.81 -1.41
N HIS B 207 -4.69 -9.82 -1.25
CA HIS B 207 -3.95 -9.68 -0.01
C HIS B 207 -4.85 -9.19 1.12
N PHE B 208 -5.94 -8.52 0.76
CA PHE B 208 -6.94 -8.06 1.71
C PHE B 208 -8.37 -8.37 1.21
N TYR B 209 -9.26 -8.83 2.09
CA TYR B 209 -10.64 -9.12 1.72
C TYR B 209 -11.61 -8.50 2.71
N ASP B 210 -12.04 -7.26 2.47
CA ASP B 210 -13.02 -6.62 3.34
C ASP B 210 -14.41 -7.25 3.23
N GLY B 211 -14.57 -8.42 3.85
CA GLY B 211 -15.82 -9.14 3.80
C GLY B 211 -15.83 -10.43 4.59
N PHE B 212 -16.91 -11.17 4.36
CA PHE B 212 -17.18 -12.45 5.02
C PHE B 212 -17.47 -13.55 4.00
N SER B 213 -17.42 -14.81 4.41
CA SER B 213 -17.75 -15.91 3.50
C SER B 213 -19.19 -16.38 3.68
N LYS B 214 -19.88 -15.88 4.67
CA LYS B 214 -21.29 -16.20 4.91
C LYS B 214 -22.16 -14.98 5.12
N VAL B 215 -23.44 -15.09 4.77
CA VAL B 215 -24.41 -14.04 5.06
C VAL B 215 -25.24 -14.50 6.26
N PRO B 216 -25.33 -13.74 7.34
CA PRO B 216 -26.20 -14.03 8.45
C PRO B 216 -27.62 -13.76 7.98
N LEU B 217 -28.51 -14.73 7.94
CA LEU B 217 -29.86 -14.48 7.52
C LEU B 217 -30.83 -14.36 8.67
N LYS B 218 -31.70 -13.35 8.76
CA LYS B 218 -32.70 -13.21 9.84
C LYS B 218 -33.42 -14.48 10.31
N ASP B 219 -33.92 -15.17 9.31
CA ASP B 219 -34.66 -16.42 9.48
C ASP B 219 -33.83 -17.55 10.09
N GLN B 220 -32.54 -17.47 9.95
CA GLN B 220 -31.61 -18.53 10.35
C GLN B 220 -30.95 -18.24 11.70
N SER B 221 -30.51 -19.21 12.50
CA SER B 221 -29.91 -18.88 13.79
C SER B 221 -28.57 -18.20 13.73
N ALA B 222 -28.32 -17.24 14.64
CA ALA B 222 -27.02 -16.55 14.76
C ALA B 222 -25.76 -17.40 14.54
N ALA B 223 -25.74 -18.54 15.20
CA ALA B 223 -24.65 -19.50 15.05
C ALA B 223 -24.44 -19.97 13.63
N LEU B 224 -25.51 -20.28 12.90
CA LEU B 224 -25.36 -20.71 11.52
C LEU B 224 -24.82 -19.65 10.55
N GLY B 225 -25.25 -18.40 10.71
CA GLY B 225 -24.78 -17.35 9.82
C GLY B 225 -23.39 -16.80 10.12
N ASP B 226 -22.72 -17.23 11.17
CA ASP B 226 -21.46 -16.64 11.54
C ASP B 226 -20.18 -17.11 10.87
N SER B 227 -19.33 -16.15 10.53
CA SER B 227 -18.04 -16.41 9.90
C SER B 227 -16.98 -15.39 10.26
N LEU B 228 -15.70 -15.64 10.02
CA LEU B 228 -14.65 -14.68 10.41
C LEU B 228 -14.44 -13.51 9.47
N TYR B 229 -14.21 -12.35 10.05
CA TYR B 229 -13.98 -11.14 9.28
C TYR B 229 -12.68 -11.18 8.52
N GLY B 230 -12.79 -11.03 7.21
CA GLY B 230 -11.64 -11.03 6.34
C GLY B 230 -11.29 -12.41 5.79
N ALA B 231 -11.91 -13.47 6.28
CA ALA B 231 -11.61 -14.81 5.80
C ALA B 231 -12.51 -15.32 4.69
N ALA B 232 -11.94 -15.66 3.54
CA ALA B 232 -12.70 -16.23 2.45
C ALA B 232 -12.78 -17.76 2.46
N SER B 233 -12.14 -18.53 1.58
CA SER B 233 -12.24 -20.01 1.65
C SER B 233 -11.53 -20.62 2.86
N LEU B 234 -12.25 -21.05 3.88
CA LEU B 234 -11.71 -21.73 5.08
C LEU B 234 -10.42 -22.52 4.95
N ASN B 235 -10.37 -23.37 3.93
CA ASN B 235 -9.13 -24.03 3.55
C ASN B 235 -8.71 -23.44 2.20
N ASP B 236 -8.11 -22.24 2.20
CA ASP B 236 -7.64 -21.63 0.97
C ASP B 236 -6.85 -22.49 -0.04
N PHE B 237 -5.73 -23.09 0.35
CA PHE B 237 -4.86 -23.79 -0.59
C PHE B 237 -4.34 -25.17 -0.16
N GLY B 238 -4.87 -25.76 0.90
CA GLY B 238 -4.36 -27.03 1.38
C GLY B 238 -3.14 -26.96 2.28
N ILE B 239 -2.53 -28.11 2.44
CA ILE B 239 -1.41 -28.26 3.35
C ILE B 239 -0.21 -29.01 2.79
N LEU B 240 0.97 -28.75 3.34
CA LEU B 240 2.10 -29.61 3.06
C LEU B 240 2.22 -30.61 4.20
N ALA B 241 2.29 -31.89 3.89
CA ALA B 241 2.53 -32.92 4.89
C ALA B 241 3.92 -33.48 4.68
N VAL B 242 4.79 -33.44 5.67
CA VAL B 242 6.14 -33.96 5.54
C VAL B 242 6.46 -35.12 6.50
N ARG B 243 7.12 -36.16 6.02
CA ARG B 243 7.55 -37.25 6.90
C ARG B 243 8.93 -37.83 6.59
N VAL B 244 9.53 -38.54 7.53
CA VAL B 244 10.75 -39.27 7.24
C VAL B 244 10.32 -40.64 6.77
N VAL B 245 10.68 -41.02 5.57
CA VAL B 245 10.26 -42.32 5.00
C VAL B 245 10.96 -43.50 5.65
N ASN B 246 12.16 -43.26 6.18
CA ASN B 246 12.91 -44.28 6.90
C ASN B 246 12.19 -44.87 8.09
N ASP B 247 12.28 -46.18 8.29
CA ASP B 247 11.71 -46.79 9.49
C ASP B 247 12.41 -46.38 10.75
N HIS B 248 11.69 -46.54 11.86
CA HIS B 248 12.18 -46.25 13.21
C HIS B 248 13.57 -46.77 13.49
N ASN B 249 14.42 -45.90 13.95
CA ASN B 249 15.81 -46.23 14.20
C ASN B 249 16.08 -46.22 15.71
N PRO B 250 16.87 -47.09 16.36
CA PRO B 250 17.08 -47.06 17.81
C PRO B 250 17.55 -45.72 18.33
N THR B 251 18.41 -45.07 17.57
CA THR B 251 18.84 -43.71 17.88
C THR B 251 17.92 -42.70 17.20
N LYS B 252 17.26 -41.86 17.97
CA LYS B 252 16.39 -40.82 17.43
C LYS B 252 17.02 -39.62 16.77
N VAL B 253 16.55 -39.30 15.58
CA VAL B 253 16.96 -38.10 14.87
C VAL B 253 15.78 -37.14 14.64
N THR B 254 16.01 -35.88 14.94
CA THR B 254 15.01 -34.84 14.71
C THR B 254 15.43 -34.03 13.49
N SER B 255 14.49 -33.67 12.62
CA SER B 255 14.82 -32.89 11.42
C SER B 255 13.90 -31.72 11.20
N LYS B 256 14.45 -30.66 10.63
CA LYS B 256 13.68 -29.48 10.27
C LYS B 256 13.72 -29.15 8.80
N ILE B 257 12.55 -28.78 8.27
CA ILE B 257 12.43 -28.37 6.87
C ILE B 257 12.07 -26.90 6.81
N ARG B 258 13.01 -26.09 6.38
CA ARG B 258 12.76 -24.67 6.15
C ARG B 258 12.28 -24.43 4.73
N VAL B 259 11.11 -23.80 4.61
CA VAL B 259 10.53 -23.49 3.31
C VAL B 259 10.75 -22.05 2.84
N TYR B 260 11.35 -21.92 1.68
CA TYR B 260 11.59 -20.61 1.07
C TYR B 260 10.69 -20.36 -0.12
N LEU B 261 10.01 -19.20 -0.11
CA LEU B 261 9.11 -18.85 -1.19
C LEU B 261 9.62 -17.68 -2.02
N LYS B 262 9.63 -17.83 -3.34
CA LYS B 262 9.96 -16.72 -4.23
C LYS B 262 8.83 -16.49 -5.23
N PRO B 263 8.19 -15.32 -5.23
CA PRO B 263 7.20 -14.99 -6.22
C PRO B 263 7.83 -14.67 -7.57
N LYS B 264 7.82 -15.53 -8.56
CA LYS B 264 8.35 -15.14 -9.86
C LYS B 264 7.28 -14.84 -10.89
N HIS B 265 7.58 -14.03 -11.91
CA HIS B 265 6.61 -13.62 -12.97
C HIS B 265 5.41 -12.89 -12.36
N ILE B 266 5.72 -12.05 -11.38
CA ILE B 266 4.77 -11.25 -10.61
C ILE B 266 4.24 -9.91 -11.13
N ARG B 267 2.95 -9.74 -10.88
CA ARG B 267 2.22 -8.53 -11.17
C ARG B 267 1.41 -8.08 -9.95
N VAL B 268 1.40 -6.78 -9.64
CA VAL B 268 0.67 -6.27 -8.48
C VAL B 268 -0.22 -5.07 -8.76
N TRP B 269 -1.32 -5.01 -8.04
CA TRP B 269 -2.27 -3.91 -8.17
C TRP B 269 -2.65 -3.25 -6.85
N CYS B 270 -3.04 -1.99 -6.96
CA CYS B 270 -3.48 -1.09 -5.88
C CYS B 270 -2.56 -0.95 -4.67
N PRO B 271 -1.64 0.03 -4.67
CA PRO B 271 -0.68 0.27 -3.59
C PRO B 271 -1.31 0.62 -2.25
N ARG B 272 -0.65 0.21 -1.19
CA ARG B 272 -1.09 0.45 0.18
C ARG B 272 0.08 0.92 1.04
N PRO B 273 -0.10 1.75 2.07
CA PRO B 273 0.91 1.97 3.07
C PRO B 273 1.43 0.72 3.76
N PRO B 274 2.71 0.65 4.09
CA PRO B 274 3.28 -0.49 4.78
C PRO B 274 2.79 -0.67 6.21
N ARG B 275 2.86 -1.90 6.71
CA ARG B 275 2.52 -2.20 8.10
C ARG B 275 3.45 -1.44 9.05
N ALA B 276 2.88 -0.54 9.84
CA ALA B 276 3.69 0.27 10.72
C ALA B 276 3.81 -0.22 12.17
N VAL B 277 2.86 -1.03 12.57
CA VAL B 277 2.87 -1.64 13.89
C VAL B 277 2.97 -3.15 13.76
N ALA B 278 3.40 -3.88 14.79
CA ALA B 278 3.55 -5.33 14.71
C ALA B 278 2.31 -6.09 14.30
N TYR B 279 2.51 -7.08 13.44
CA TYR B 279 1.45 -7.97 13.04
C TYR B 279 0.81 -8.75 14.18
N TYR B 280 -0.52 -8.80 14.26
CA TYR B 280 -1.19 -9.60 15.27
C TYR B 280 -2.21 -10.56 14.66
N GLY B 281 -1.69 -11.70 14.20
CA GLY B 281 -2.53 -12.73 13.56
C GLY B 281 -2.65 -12.61 12.04
N PRO B 282 -3.51 -13.37 11.36
CA PRO B 282 -3.66 -13.36 9.89
C PRO B 282 -4.32 -12.11 9.33
N GLY B 283 -5.00 -11.31 10.15
CA GLY B 283 -5.70 -10.14 9.65
C GLY B 283 -4.98 -8.83 9.92
N VAL B 284 -5.67 -7.71 9.76
CA VAL B 284 -5.09 -6.40 10.03
C VAL B 284 -5.08 -5.97 11.50
N ASP B 285 -5.33 -6.89 12.41
CA ASP B 285 -5.49 -6.52 13.81
C ASP B 285 -4.20 -6.15 14.53
N TYR B 286 -4.33 -5.18 15.40
CA TYR B 286 -3.22 -4.77 16.21
C TYR B 286 -3.48 -4.93 17.69
N LYS B 287 -2.42 -5.29 18.37
CA LYS B 287 -2.45 -5.53 19.80
C LYS B 287 -2.10 -4.32 20.65
N ASP B 288 -2.85 -4.13 21.73
CA ASP B 288 -2.51 -3.07 22.68
C ASP B 288 -1.06 -3.12 23.17
N GLY B 289 -0.41 -1.97 23.24
CA GLY B 289 0.98 -1.94 23.62
C GLY B 289 1.96 -1.96 22.45
N THR B 290 1.54 -2.35 21.25
CA THR B 290 2.46 -2.30 20.10
C THR B 290 2.19 -1.15 19.13
N LEU B 291 1.38 -0.20 19.56
CA LEU B 291 0.91 0.89 18.69
C LEU B 291 1.68 2.18 18.62
N THR B 292 2.84 2.33 19.26
CA THR B 292 3.57 3.62 19.20
C THR B 292 4.95 3.58 18.54
N PRO B 293 5.06 3.41 17.22
CA PRO B 293 6.31 3.11 16.55
C PRO B 293 7.29 4.28 16.49
N LEU B 294 6.78 5.50 16.38
CA LEU B 294 7.64 6.65 16.21
C LEU B 294 8.34 7.19 17.47
N SER B 295 9.61 7.48 17.28
CA SER B 295 10.47 8.06 18.30
C SER B 295 10.29 9.54 18.60
N THR B 296 10.72 9.99 19.76
CA THR B 296 10.76 11.43 20.04
C THR B 296 11.81 12.17 19.20
N LYS B 297 11.42 13.27 18.58
CA LYS B 297 12.31 14.19 17.90
C LYS B 297 11.65 15.57 17.88
N ASP B 298 12.36 16.62 18.31
CA ASP B 298 11.77 17.95 18.35
C ASP B 298 11.65 18.73 17.06
N LEU B 299 10.52 19.44 16.88
CA LEU B 299 10.23 20.22 15.69
C LEU B 299 11.35 21.09 15.11
N THR B 300 12.15 21.69 15.96
CA THR B 300 13.28 22.52 15.53
C THR B 300 14.64 21.93 15.82
N THR B 301 14.75 20.60 15.84
CA THR B 301 16.04 19.92 16.07
C THR B 301 16.43 19.17 14.81
N TYR B 302 17.59 19.40 14.22
CA TYR B 302 18.00 18.67 13.03
C TYR B 302 18.30 17.22 13.35
N GLU C 5 -11.99 28.79 -19.05
CA GLU C 5 -12.31 29.44 -20.31
C GLU C 5 -12.50 30.94 -20.35
N ALA C 6 -11.99 31.56 -21.47
CA ALA C 6 -12.20 32.99 -21.77
C ALA C 6 -13.61 33.54 -21.49
N CYS C 7 -14.70 32.86 -21.93
CA CYS C 7 -16.06 33.26 -21.49
C CYS C 7 -16.51 32.52 -20.20
N GLY C 8 -15.73 32.68 -19.14
CA GLY C 8 -16.02 32.21 -17.80
C GLY C 8 -15.92 30.76 -17.30
N TYR C 9 -15.65 29.66 -18.01
CA TYR C 9 -15.65 28.33 -17.38
C TYR C 9 -14.52 28.04 -16.38
N SER C 10 -14.74 27.33 -15.25
CA SER C 10 -13.70 27.13 -14.23
C SER C 10 -13.55 25.76 -13.56
N ASP C 11 -12.39 25.44 -13.05
CA ASP C 11 -12.14 24.19 -12.33
C ASP C 11 -12.81 24.03 -10.98
N ARG C 12 -13.26 25.17 -10.47
CA ARG C 12 -13.96 25.28 -9.21
C ARG C 12 -15.47 25.17 -9.30
N VAL C 13 -16.00 25.42 -10.46
CA VAL C 13 -17.45 25.41 -10.65
C VAL C 13 -17.87 24.21 -11.50
N LEU C 14 -18.47 23.22 -10.85
CA LEU C 14 -18.92 22.01 -11.54
C LEU C 14 -20.42 21.74 -11.41
N GLN C 15 -20.97 21.09 -12.43
CA GLN C 15 -22.33 20.58 -12.36
C GLN C 15 -22.29 19.08 -12.74
N LEU C 16 -22.80 18.24 -11.86
CA LEU C 16 -22.86 16.81 -12.14
C LEU C 16 -24.31 16.36 -12.30
N THR C 17 -24.65 15.62 -13.37
CA THR C 17 -26.01 15.09 -13.50
C THR C 17 -26.05 13.62 -13.77
N LEU C 18 -26.78 12.92 -12.94
CA LEU C 18 -27.02 11.49 -13.06
C LEU C 18 -28.50 11.23 -12.79
N GLY C 19 -29.19 10.57 -13.73
CA GLY C 19 -30.62 10.28 -13.58
C GLY C 19 -31.46 11.52 -13.37
N ASN C 20 -32.29 11.62 -12.34
CA ASN C 20 -33.05 12.84 -12.08
C ASN C 20 -32.41 13.72 -11.03
N SER C 21 -31.13 13.49 -10.77
CA SER C 21 -30.40 14.30 -9.81
C SER C 21 -29.22 15.10 -10.35
N THR C 22 -29.19 16.36 -9.94
CA THR C 22 -28.13 17.27 -10.28
C THR C 22 -27.45 17.93 -9.07
N ILE C 23 -26.11 17.94 -9.06
CA ILE C 23 -25.33 18.62 -8.02
C ILE C 23 -24.61 19.83 -8.60
N THR C 24 -24.72 20.99 -7.94
CA THR C 24 -23.92 22.15 -8.36
C THR C 24 -22.87 22.46 -7.30
N THR C 25 -21.71 22.88 -7.73
CA THR C 25 -20.70 23.37 -6.81
C THR C 25 -19.95 24.54 -7.42
N GLN C 26 -19.88 25.59 -6.61
CA GLN C 26 -19.16 26.81 -6.97
C GLN C 26 -17.77 26.88 -6.35
N GLU C 27 -17.41 25.98 -5.47
CA GLU C 27 -16.08 25.95 -4.83
C GLU C 27 -15.44 24.56 -4.73
N ALA C 28 -15.19 23.96 -5.89
CA ALA C 28 -14.52 22.66 -5.98
C ALA C 28 -13.02 22.72 -6.21
N ALA C 29 -12.28 21.65 -5.97
CA ALA C 29 -10.85 21.64 -6.30
C ALA C 29 -10.58 20.52 -7.31
N ASN C 30 -11.21 20.64 -8.49
CA ASN C 30 -11.20 19.63 -9.54
C ASN C 30 -11.88 18.32 -9.10
N SER C 31 -11.70 17.20 -9.78
CA SER C 31 -12.30 15.93 -9.39
C SER C 31 -11.27 14.84 -9.51
N VAL C 32 -11.33 13.79 -8.70
CA VAL C 32 -10.39 12.69 -8.87
C VAL C 32 -11.05 11.49 -9.53
N VAL C 33 -10.41 10.90 -10.51
CA VAL C 33 -10.89 9.62 -11.03
C VAL C 33 -9.89 8.56 -10.55
N ALA C 34 -10.33 7.69 -9.67
CA ALA C 34 -9.47 6.69 -9.07
C ALA C 34 -8.72 5.78 -10.04
N TYR C 35 -7.40 5.82 -9.90
CA TYR C 35 -6.46 5.05 -10.71
C TYR C 35 -6.59 5.34 -12.20
N GLY C 36 -7.13 6.50 -12.50
CA GLY C 36 -7.37 6.93 -13.88
C GLY C 36 -8.44 6.13 -14.59
N ARG C 37 -9.21 5.31 -13.89
CA ARG C 37 -10.23 4.48 -14.49
C ARG C 37 -11.68 4.91 -14.28
N TRP C 38 -12.35 5.29 -15.35
CA TRP C 38 -13.76 5.63 -15.26
C TRP C 38 -14.57 4.33 -15.10
N PRO C 39 -15.66 4.21 -14.34
CA PRO C 39 -16.49 3.03 -14.33
C PRO C 39 -16.99 2.55 -15.68
N GLU C 40 -17.04 1.25 -15.82
CA GLU C 40 -17.51 0.60 -17.02
C GLU C 40 -18.29 -0.67 -16.75
N TYR C 41 -19.17 -1.08 -17.65
CA TYR C 41 -19.85 -2.38 -17.48
C TYR C 41 -18.93 -3.56 -17.76
N LEU C 42 -19.22 -4.73 -17.22
CA LEU C 42 -18.43 -5.91 -17.50
C LEU C 42 -18.40 -6.40 -18.97
N ARG C 43 -17.19 -6.34 -19.54
CA ARG C 43 -16.91 -6.84 -20.87
C ARG C 43 -17.07 -8.34 -21.09
N ASP C 44 -17.55 -8.79 -22.25
CA ASP C 44 -17.63 -10.22 -22.55
C ASP C 44 -16.37 -11.05 -22.38
N SER C 45 -15.21 -10.44 -22.62
CA SER C 45 -13.91 -11.09 -22.43
C SER C 45 -13.52 -11.31 -20.99
N GLU C 46 -14.07 -10.51 -20.07
CA GLU C 46 -13.85 -10.68 -18.64
C GLU C 46 -15.07 -11.22 -17.88
N ALA C 47 -16.17 -11.45 -18.58
CA ALA C 47 -17.37 -12.00 -18.01
C ALA C 47 -17.25 -13.39 -17.38
N ASN C 48 -18.11 -13.71 -16.43
CA ASN C 48 -18.08 -15.03 -15.81
C ASN C 48 -19.48 -15.67 -15.58
N PRO C 49 -20.47 -15.15 -14.86
CA PRO C 49 -21.80 -15.75 -14.81
C PRO C 49 -22.47 -15.69 -16.17
N VAL C 50 -22.97 -16.76 -16.73
CA VAL C 50 -23.53 -16.74 -18.08
C VAL C 50 -24.95 -16.18 -18.29
N ASP C 51 -25.71 -16.02 -17.22
CA ASP C 51 -27.05 -15.48 -17.31
C ASP C 51 -27.13 -14.01 -17.67
N GLN C 52 -28.15 -13.60 -18.41
CA GLN C 52 -28.41 -12.21 -18.77
C GLN C 52 -28.43 -11.29 -17.55
N PRO C 53 -27.55 -10.28 -17.43
CA PRO C 53 -27.53 -9.38 -16.29
C PRO C 53 -28.68 -8.42 -16.16
N THR C 54 -28.95 -8.01 -14.95
CA THR C 54 -29.92 -6.93 -14.69
C THR C 54 -29.11 -5.64 -14.60
N GLU C 55 -29.46 -4.63 -15.36
CA GLU C 55 -28.78 -3.36 -15.32
C GLU C 55 -29.79 -2.23 -15.06
N PRO C 56 -30.00 -1.77 -13.83
CA PRO C 56 -31.08 -0.83 -13.52
C PRO C 56 -30.99 0.59 -14.07
N ASP C 57 -29.84 0.97 -14.62
CA ASP C 57 -29.57 2.31 -15.14
C ASP C 57 -30.13 3.50 -14.35
N VAL C 58 -30.93 4.44 -14.85
CA VAL C 58 -31.36 5.62 -14.09
C VAL C 58 -32.07 5.40 -12.75
N ALA C 59 -32.70 4.24 -12.53
CA ALA C 59 -33.35 3.95 -11.26
C ALA C 59 -32.40 3.68 -10.09
N ALA C 60 -31.22 3.15 -10.38
CA ALA C 60 -30.20 2.90 -9.35
C ALA C 60 -29.03 3.88 -9.47
N CYS C 61 -28.56 4.19 -10.68
CA CYS C 61 -27.45 5.10 -10.89
C CYS C 61 -27.84 6.58 -10.85
N ARG C 62 -28.08 7.04 -9.64
CA ARG C 62 -28.52 8.40 -9.30
C ARG C 62 -27.95 8.82 -7.94
N PHE C 63 -28.02 10.09 -7.54
CA PHE C 63 -27.44 10.49 -6.26
C PHE C 63 -28.25 10.29 -4.99
N TYR C 64 -27.79 9.37 -4.14
CA TYR C 64 -28.37 9.16 -2.81
C TYR C 64 -27.65 9.93 -1.70
N THR C 65 -28.36 10.76 -0.96
CA THR C 65 -27.78 11.51 0.13
C THR C 65 -27.94 10.80 1.46
N LEU C 66 -26.82 10.46 2.09
CA LEU C 66 -26.85 9.76 3.40
C LEU C 66 -27.06 10.70 4.57
N ASP C 67 -27.31 10.22 5.79
CA ASP C 67 -27.45 11.12 6.94
C ASP C 67 -26.28 12.06 7.20
N THR C 68 -26.53 13.34 7.39
CA THR C 68 -25.50 14.34 7.66
C THR C 68 -24.82 14.15 9.00
N VAL C 69 -23.50 14.09 9.00
CA VAL C 69 -22.77 14.02 10.26
C VAL C 69 -22.27 15.40 10.67
N SER C 70 -21.75 15.55 11.88
CA SER C 70 -21.27 16.85 12.35
C SER C 70 -19.80 16.93 12.76
N TRP C 71 -19.06 17.87 12.20
CA TRP C 71 -17.68 18.08 12.52
C TRP C 71 -17.50 19.11 13.66
N THR C 72 -16.76 18.68 14.66
CA THR C 72 -16.46 19.47 15.84
C THR C 72 -14.99 19.40 16.21
N LYS C 73 -14.48 20.16 17.19
CA LYS C 73 -13.09 19.98 17.65
C LYS C 73 -12.84 18.62 18.29
N GLU C 74 -13.83 17.88 18.76
CA GLU C 74 -13.64 16.53 19.26
C GLU C 74 -13.62 15.44 18.20
N SER C 75 -14.01 15.77 16.99
CA SER C 75 -14.13 14.77 15.93
C SER C 75 -12.86 14.05 15.51
N ARG C 76 -12.71 12.76 15.78
CA ARG C 76 -11.56 12.02 15.31
C ARG C 76 -11.59 11.48 13.87
N GLY C 77 -12.76 11.32 13.29
CA GLY C 77 -12.90 10.84 11.91
C GLY C 77 -14.11 9.95 11.67
N TRP C 78 -14.51 9.73 10.43
CA TRP C 78 -15.68 8.92 10.09
C TRP C 78 -15.36 7.93 8.97
N TRP C 79 -16.00 6.78 8.89
CA TRP C 79 -15.80 5.85 7.79
C TRP C 79 -17.10 5.20 7.31
N TRP C 80 -17.12 4.85 6.03
CA TRP C 80 -18.25 4.16 5.42
C TRP C 80 -17.74 3.03 4.52
N LYS C 81 -18.54 2.02 4.24
CA LYS C 81 -18.11 0.98 3.31
C LYS C 81 -19.06 0.88 2.11
N LEU C 82 -18.59 0.65 0.90
CA LEU C 82 -19.47 0.49 -0.27
C LEU C 82 -19.40 -0.93 -0.82
N PRO C 83 -20.50 -1.57 -1.23
CA PRO C 83 -21.86 -1.04 -1.23
C PRO C 83 -22.68 -0.85 0.03
N ASP C 84 -22.21 -1.35 1.17
CA ASP C 84 -22.97 -1.26 2.44
C ASP C 84 -23.68 0.06 2.78
N ALA C 85 -23.06 1.23 2.62
CA ALA C 85 -23.74 2.49 2.93
C ALA C 85 -24.98 2.78 2.10
N LEU C 86 -25.01 2.20 0.90
CA LEU C 86 -26.13 2.35 0.00
C LEU C 86 -27.14 1.18 0.04
N ARG C 87 -26.97 0.18 0.93
CA ARG C 87 -27.84 -0.99 0.95
C ARG C 87 -29.34 -0.75 1.10
N ASP C 88 -29.75 0.33 1.73
CA ASP C 88 -31.18 0.66 1.86
C ASP C 88 -31.60 1.83 0.97
N MET C 89 -30.79 2.16 -0.02
CA MET C 89 -31.08 3.24 -0.92
C MET C 89 -31.86 2.84 -2.18
N GLY C 90 -33.16 3.11 -2.14
CA GLY C 90 -34.10 2.92 -3.24
C GLY C 90 -34.00 1.63 -4.01
N LEU C 91 -34.03 1.73 -5.32
CA LEU C 91 -33.93 0.56 -6.18
C LEU C 91 -32.53 0.01 -6.31
N PHE C 92 -31.48 0.73 -5.89
CA PHE C 92 -30.13 0.15 -5.86
C PHE C 92 -30.12 -0.98 -4.83
N GLY C 93 -30.60 -0.68 -3.62
CA GLY C 93 -30.70 -1.69 -2.57
C GLY C 93 -31.55 -2.91 -2.92
N GLN C 94 -32.73 -2.70 -3.51
CA GLN C 94 -33.59 -3.82 -3.94
C GLN C 94 -32.89 -4.72 -4.95
N ASN C 95 -32.27 -4.11 -5.95
CA ASN C 95 -31.52 -4.87 -6.92
C ASN C 95 -30.34 -5.59 -6.30
N MET C 96 -29.68 -4.98 -5.34
CA MET C 96 -28.58 -5.61 -4.61
C MET C 96 -29.06 -6.86 -3.87
N TYR C 97 -30.12 -6.76 -3.10
CA TYR C 97 -30.62 -7.89 -2.34
C TYR C 97 -31.38 -8.98 -3.09
N TYR C 98 -31.88 -8.73 -4.28
CA TYR C 98 -32.52 -9.78 -5.06
C TYR C 98 -31.58 -10.66 -5.88
N HIS C 99 -30.32 -10.25 -6.00
CA HIS C 99 -29.35 -11.01 -6.80
C HIS C 99 -28.19 -11.53 -6.01
N TYR C 100 -27.70 -12.71 -6.32
CA TYR C 100 -26.49 -13.27 -5.71
C TYR C 100 -25.25 -12.42 -6.02
N LEU C 101 -25.18 -11.96 -7.26
CA LEU C 101 -24.03 -11.20 -7.70
C LEU C 101 -24.30 -9.79 -8.16
N GLY C 102 -23.33 -8.92 -7.94
CA GLY C 102 -23.44 -7.55 -8.37
C GLY C 102 -22.12 -6.81 -8.38
N ARG C 103 -21.99 -5.88 -9.30
CA ARG C 103 -20.82 -5.02 -9.36
C ARG C 103 -21.24 -3.58 -9.61
N SER C 104 -20.49 -2.64 -9.04
CA SER C 104 -20.81 -1.22 -9.21
C SER C 104 -19.63 -0.28 -9.03
N GLY C 105 -19.66 0.81 -9.77
CA GLY C 105 -18.73 1.89 -9.57
C GLY C 105 -19.45 3.00 -8.79
N TYR C 106 -18.84 4.13 -8.44
CA TYR C 106 -19.51 5.16 -7.65
C TYR C 106 -19.00 6.58 -7.92
N THR C 107 -19.85 7.60 -7.81
CA THR C 107 -19.36 8.96 -7.74
C THR C 107 -19.64 9.40 -6.29
N VAL C 108 -18.59 9.68 -5.54
CA VAL C 108 -18.70 10.14 -4.18
C VAL C 108 -18.52 11.66 -4.09
N HIS C 109 -19.52 12.34 -3.60
CA HIS C 109 -19.43 13.78 -3.41
C HIS C 109 -19.62 14.19 -1.96
N VAL C 110 -18.50 14.48 -1.31
CA VAL C 110 -18.50 14.90 0.09
C VAL C 110 -18.72 16.40 0.20
N GLN C 111 -19.68 16.84 0.96
CA GLN C 111 -20.03 18.25 1.11
C GLN C 111 -19.75 18.88 2.49
N CYS C 112 -18.97 19.94 2.56
CA CYS C 112 -18.66 20.63 3.79
C CYS C 112 -18.34 22.10 3.56
N ASN C 113 -19.27 23.01 3.80
CA ASN C 113 -19.01 24.43 3.67
C ASN C 113 -18.94 25.14 5.02
N ALA C 114 -18.21 26.24 5.09
CA ALA C 114 -18.12 27.00 6.31
C ALA C 114 -18.07 28.51 6.06
N SER C 115 -16.97 29.23 6.24
CA SER C 115 -16.94 30.67 5.96
C SER C 115 -15.50 31.13 5.86
N LYS C 116 -15.20 32.27 5.27
CA LYS C 116 -13.82 32.74 5.15
C LYS C 116 -13.03 32.96 6.44
N PHE C 117 -13.71 32.86 7.57
CA PHE C 117 -13.14 32.97 8.89
C PHE C 117 -13.03 31.64 9.65
N HIS C 118 -13.31 30.52 9.01
CA HIS C 118 -13.11 29.20 9.63
C HIS C 118 -11.83 28.55 9.11
N GLN C 119 -11.34 27.52 9.78
CA GLN C 119 -10.15 26.79 9.37
C GLN C 119 -10.39 25.30 9.61
N GLY C 120 -9.64 24.48 8.88
CA GLY C 120 -9.77 23.07 9.03
C GLY C 120 -9.62 22.37 7.69
N ALA C 121 -9.08 21.16 7.78
CA ALA C 121 -8.84 20.37 6.60
C ALA C 121 -9.20 18.90 6.81
N LEU C 122 -10.10 18.46 5.94
CA LEU C 122 -10.54 17.07 5.93
C LEU C 122 -9.88 16.23 4.87
N GLY C 123 -9.26 15.12 5.25
CA GLY C 123 -8.71 14.17 4.30
C GLY C 123 -9.79 13.18 3.87
N VAL C 124 -10.17 13.21 2.59
CA VAL C 124 -11.17 12.28 2.07
C VAL C 124 -10.51 11.19 1.22
N PHE C 125 -10.42 10.01 1.83
CA PHE C 125 -9.75 8.85 1.25
C PHE C 125 -10.65 7.72 0.78
N ALA C 126 -10.41 7.20 -0.41
CA ALA C 126 -11.12 6.03 -0.90
C ALA C 126 -10.16 4.86 -0.93
N VAL C 127 -10.38 3.91 -0.03
CA VAL C 127 -9.50 2.74 0.13
C VAL C 127 -10.08 1.45 -0.48
N PRO C 128 -9.45 0.81 -1.48
CA PRO C 128 -9.89 -0.48 -2.01
C PRO C 128 -9.72 -1.51 -0.91
N GLU C 129 -10.64 -2.46 -0.68
CA GLU C 129 -10.52 -3.46 0.38
C GLU C 129 -10.15 -2.91 1.78
N MET C 130 -10.88 -1.93 2.30
CA MET C 130 -10.55 -1.32 3.60
C MET C 130 -10.87 -2.17 4.85
N CYS C 131 -10.07 -3.21 5.04
CA CYS C 131 -10.18 -4.08 6.20
C CYS C 131 -9.79 -3.33 7.46
N LEU C 132 -10.66 -3.27 8.46
CA LEU C 132 -10.32 -2.59 9.70
C LEU C 132 -10.03 -3.52 10.87
N ALA C 133 -9.27 -3.00 11.83
CA ALA C 133 -8.93 -3.74 13.02
C ALA C 133 -10.01 -3.82 14.08
N GLY C 134 -10.14 -4.98 14.67
CA GLY C 134 -11.15 -5.22 15.69
C GLY C 134 -10.74 -4.79 17.11
N ASP C 135 -11.69 -4.85 18.03
CA ASP C 135 -11.49 -4.48 19.41
C ASP C 135 -10.87 -5.51 20.35
N SER C 136 -10.35 -6.62 19.88
CA SER C 136 -9.83 -7.61 20.79
C SER C 136 -8.34 -7.94 20.75
N ASN C 137 -7.86 -8.17 21.96
CA ASN C 137 -6.50 -8.61 22.21
C ASN C 137 -6.42 -10.10 22.57
N THR C 138 -7.51 -10.83 22.66
CA THR C 138 -7.45 -12.27 22.96
C THR C 138 -7.83 -13.16 21.79
N THR C 139 -8.64 -12.62 20.92
CA THR C 139 -9.04 -13.27 19.66
C THR C 139 -8.83 -12.37 18.45
N THR C 140 -8.64 -12.89 17.26
CA THR C 140 -8.45 -12.05 16.06
C THR C 140 -9.53 -12.25 15.01
N MET C 141 -9.64 -11.43 13.95
CA MET C 141 -10.65 -11.58 12.88
C MET C 141 -12.10 -11.86 13.29
N HIS C 142 -12.50 -11.25 14.40
CA HIS C 142 -13.76 -11.59 15.02
C HIS C 142 -14.88 -10.55 15.06
N THR C 143 -14.80 -9.51 14.26
CA THR C 143 -15.83 -8.47 14.23
C THR C 143 -17.06 -9.04 13.57
N SER C 144 -18.21 -8.99 14.22
CA SER C 144 -19.45 -9.53 13.66
C SER C 144 -19.90 -8.83 12.38
N TYR C 145 -20.60 -9.51 11.47
CA TYR C 145 -21.14 -8.89 10.26
C TYR C 145 -21.96 -7.62 10.50
N GLN C 146 -22.73 -7.67 11.58
CA GLN C 146 -23.56 -6.56 12.02
C GLN C 146 -22.68 -5.37 12.38
N ASN C 147 -21.68 -5.53 13.23
CA ASN C 147 -20.79 -4.43 13.54
C ASN C 147 -19.90 -3.93 12.42
N ALA C 148 -19.53 -4.84 11.53
CA ALA C 148 -18.73 -4.52 10.36
C ALA C 148 -19.44 -3.74 9.28
N ASN C 149 -20.76 -3.86 9.27
CA ASN C 149 -21.60 -3.20 8.28
C ASN C 149 -22.62 -2.22 8.86
N PRO C 150 -22.26 -0.97 9.12
CA PRO C 150 -23.11 -0.01 9.80
C PRO C 150 -24.21 0.56 8.90
N GLY C 151 -24.25 0.18 7.62
CA GLY C 151 -25.12 0.85 6.66
C GLY C 151 -24.78 2.35 6.47
N GLU C 152 -25.78 3.14 6.09
CA GLU C 152 -25.63 4.59 5.86
C GLU C 152 -25.02 5.40 6.99
N LYS C 153 -25.31 4.89 8.16
CA LYS C 153 -24.92 5.48 9.44
C LYS C 153 -23.42 5.61 9.62
N GLY C 154 -22.66 4.75 8.95
CA GLY C 154 -21.23 4.78 9.06
C GLY C 154 -20.67 4.41 10.43
N GLY C 155 -19.36 4.56 10.54
CA GLY C 155 -18.66 4.33 11.77
C GLY C 155 -17.70 5.44 12.04
N THR C 156 -17.01 5.46 13.17
CA THR C 156 -16.07 6.53 13.47
C THR C 156 -14.69 6.05 13.84
N PHE C 157 -13.71 6.91 13.70
CA PHE C 157 -12.35 6.58 14.15
C PHE C 157 -12.17 7.03 15.59
N THR C 158 -11.34 6.36 16.33
CA THR C 158 -11.03 6.78 17.70
C THR C 158 -9.57 7.20 17.80
N GLY C 159 -9.20 8.08 18.72
CA GLY C 159 -7.80 8.40 18.93
C GLY C 159 -7.08 7.42 19.84
N THR C 160 -7.80 6.47 20.41
CA THR C 160 -7.22 5.55 21.40
C THR C 160 -7.67 4.10 21.30
N PHE C 161 -6.72 3.16 21.25
CA PHE C 161 -7.12 1.75 21.22
C PHE C 161 -7.54 1.28 22.58
N THR C 162 -8.80 0.92 22.68
CA THR C 162 -9.31 0.46 23.95
C THR C 162 -9.95 -0.94 23.87
N PRO C 163 -9.21 -1.99 24.29
CA PRO C 163 -9.55 -3.37 24.04
C PRO C 163 -10.76 -3.90 24.76
N ASP C 164 -11.65 -4.61 24.07
CA ASP C 164 -12.80 -5.23 24.69
C ASP C 164 -12.42 -6.30 25.70
N ASN C 165 -12.49 -5.95 26.97
CA ASN C 165 -12.27 -6.95 28.00
C ASN C 165 -13.38 -7.92 28.35
N ASN C 166 -14.65 -7.73 27.93
CA ASN C 166 -15.69 -8.69 28.25
C ASN C 166 -15.53 -10.04 27.52
N GLN C 167 -14.71 -10.96 28.05
CA GLN C 167 -14.55 -12.26 27.41
C GLN C 167 -15.79 -13.16 27.32
N THR C 168 -16.76 -13.01 28.22
CA THR C 168 -17.95 -13.87 28.19
C THR C 168 -19.04 -13.46 27.19
N SER C 169 -19.11 -12.17 26.92
CA SER C 169 -20.01 -11.61 25.93
C SER C 169 -19.26 -10.52 25.18
N PRO C 170 -18.41 -10.92 24.23
CA PRO C 170 -17.56 -10.01 23.52
C PRO C 170 -18.32 -9.01 22.67
N ALA C 171 -17.93 -7.73 22.71
CA ALA C 171 -18.56 -6.73 21.84
C ALA C 171 -18.48 -6.97 20.34
N ARG C 172 -17.48 -7.74 19.90
CA ARG C 172 -17.22 -8.06 18.49
C ARG C 172 -17.33 -6.93 17.48
N ARG C 173 -16.73 -5.81 17.82
CA ARG C 173 -16.69 -4.67 16.92
C ARG C 173 -15.32 -4.08 16.59
N PHE C 174 -15.22 -3.18 15.62
CA PHE C 174 -13.93 -2.60 15.25
C PHE C 174 -13.41 -1.60 16.27
N CYS C 175 -12.13 -1.31 16.28
CA CYS C 175 -11.63 -0.23 17.12
C CYS C 175 -10.61 0.57 16.32
N PRO C 176 -11.04 1.35 15.32
CA PRO C 176 -10.18 1.98 14.33
C PRO C 176 -9.43 3.17 14.86
N VAL C 177 -8.16 3.02 15.26
CA VAL C 177 -7.38 4.14 15.74
C VAL C 177 -6.97 5.05 14.58
N ASP C 178 -7.33 6.32 14.62
CA ASP C 178 -7.06 7.26 13.53
C ASP C 178 -5.65 7.43 12.97
N TYR C 179 -4.58 7.65 13.74
CA TYR C 179 -3.24 7.75 13.14
C TYR C 179 -2.70 6.47 12.53
N LEU C 180 -3.39 5.37 12.78
CA LEU C 180 -3.08 4.09 12.17
C LEU C 180 -4.09 3.63 11.11
N LEU C 181 -4.87 4.59 10.59
CA LEU C 181 -5.94 4.39 9.61
C LEU C 181 -6.88 3.22 9.91
N GLY C 182 -7.02 2.92 11.22
CA GLY C 182 -7.78 1.79 11.68
C GLY C 182 -7.30 0.43 11.21
N ASN C 183 -6.13 0.32 10.58
CA ASN C 183 -5.66 -0.94 10.02
C ASN C 183 -4.20 -1.28 10.25
N GLY C 184 -3.52 -0.55 11.11
CA GLY C 184 -2.13 -0.87 11.41
C GLY C 184 -1.08 -0.18 10.53
N THR C 185 -1.51 0.77 9.68
CA THR C 185 -0.58 1.51 8.83
C THR C 185 -0.65 3.01 9.11
N LEU C 186 0.42 3.80 8.99
CA LEU C 186 0.34 5.23 9.34
C LEU C 186 -0.43 6.10 8.41
N LEU C 187 -1.36 6.90 8.97
CA LEU C 187 -2.19 7.82 8.21
C LEU C 187 -1.49 8.72 7.20
N GLY C 188 -0.33 9.28 7.53
CA GLY C 188 0.43 10.11 6.60
C GLY C 188 0.68 9.48 5.21
N ASN C 189 0.68 8.15 5.13
CA ASN C 189 0.87 7.47 3.85
C ASN C 189 -0.45 7.13 3.13
N ALA C 190 -1.59 7.41 3.74
CA ALA C 190 -2.89 7.13 3.14
C ALA C 190 -3.15 7.89 1.84
N PHE C 191 -2.30 8.88 1.57
CA PHE C 191 -2.36 9.63 0.32
C PHE C 191 -1.99 8.81 -0.92
N VAL C 192 -1.38 7.62 -0.81
CA VAL C 192 -1.24 6.75 -1.98
C VAL C 192 -2.60 6.20 -2.42
N PHE C 193 -3.61 6.25 -1.54
CA PHE C 193 -4.98 5.92 -1.96
C PHE C 193 -5.62 7.11 -2.68
N PRO C 194 -6.49 6.94 -3.67
CA PRO C 194 -7.28 8.02 -4.24
C PRO C 194 -7.94 8.92 -3.23
N HIS C 195 -7.69 10.23 -3.35
CA HIS C 195 -8.15 11.17 -2.33
C HIS C 195 -8.35 12.60 -2.78
N GLN C 196 -9.06 13.37 -1.98
CA GLN C 196 -9.05 14.84 -2.10
C GLN C 196 -9.02 15.46 -0.70
N ILE C 197 -8.64 16.71 -0.58
CA ILE C 197 -8.63 17.36 0.73
C ILE C 197 -9.62 18.50 0.73
N ILE C 198 -10.56 18.50 1.65
CA ILE C 198 -11.44 19.67 1.79
C ILE C 198 -10.75 20.60 2.77
N ASN C 199 -10.01 21.55 2.23
CA ASN C 199 -9.36 22.56 3.05
C ASN C 199 -10.31 23.75 3.02
N LEU C 200 -10.95 24.08 4.13
CA LEU C 200 -11.99 25.12 4.18
C LEU C 200 -11.70 26.48 3.57
N ARG C 201 -10.44 26.92 3.50
CA ARG C 201 -10.12 28.16 2.78
C ARG C 201 -10.12 28.06 1.26
N THR C 202 -10.06 26.83 0.77
CA THR C 202 -10.00 26.52 -0.65
C THR C 202 -11.24 25.90 -1.25
N ASN C 203 -11.85 24.87 -0.65
CA ASN C 203 -12.99 24.22 -1.27
C ASN C 203 -14.15 23.73 -0.41
N ASN C 204 -15.44 23.74 -0.86
CA ASN C 204 -16.54 23.21 -0.06
C ASN C 204 -16.74 21.71 -0.24
N CYS C 205 -15.94 21.05 -1.07
CA CYS C 205 -16.23 19.65 -1.38
C CYS C 205 -15.13 18.82 -1.94
N ALA C 206 -15.37 17.53 -1.87
CA ALA C 206 -14.50 16.54 -2.49
C ALA C 206 -15.32 15.68 -3.44
N THR C 207 -14.77 15.38 -4.61
CA THR C 207 -15.47 14.53 -5.56
C THR C 207 -14.55 13.47 -6.11
N LEU C 208 -14.90 12.24 -5.79
CA LEU C 208 -14.13 11.08 -6.23
C LEU C 208 -14.94 10.13 -7.10
N VAL C 209 -14.51 9.85 -8.31
CA VAL C 209 -15.15 8.84 -9.16
C VAL C 209 -14.39 7.53 -9.01
N LEU C 210 -15.09 6.53 -8.51
CA LEU C 210 -14.54 5.21 -8.22
C LEU C 210 -14.96 4.09 -9.17
N PRO C 211 -14.03 3.39 -9.81
CA PRO C 211 -14.29 2.24 -10.63
C PRO C 211 -14.65 1.04 -9.75
N TYR C 212 -15.17 -0.03 -10.32
CA TYR C 212 -15.30 -1.27 -9.57
C TYR C 212 -13.87 -1.83 -9.44
N VAL C 213 -13.42 -2.09 -8.23
CA VAL C 213 -12.13 -2.71 -8.00
C VAL C 213 -12.32 -3.98 -7.20
N ASN C 214 -11.75 -5.07 -7.68
CA ASN C 214 -11.82 -6.37 -7.04
C ASN C 214 -10.86 -7.35 -7.72
N SER C 215 -10.57 -8.51 -7.14
CA SER C 215 -9.76 -9.55 -7.77
C SER C 215 -10.60 -10.51 -8.64
N LEU C 216 -11.87 -10.15 -8.75
CA LEU C 216 -12.90 -10.88 -9.47
C LEU C 216 -13.69 -9.89 -10.32
N SER C 217 -14.24 -10.29 -11.46
CA SER C 217 -15.11 -9.43 -12.27
C SER C 217 -16.43 -9.04 -11.65
N ILE C 218 -16.98 -9.93 -10.83
CA ILE C 218 -18.22 -9.69 -10.12
C ILE C 218 -18.25 -10.51 -8.81
N ASP C 219 -18.97 -10.08 -7.78
CA ASP C 219 -18.92 -10.75 -6.50
C ASP C 219 -20.21 -10.58 -5.68
N SER C 220 -20.28 -11.22 -4.51
CA SER C 220 -21.40 -11.04 -3.60
C SER C 220 -21.37 -9.69 -2.92
N MET C 221 -22.22 -8.75 -3.31
CA MET C 221 -22.22 -7.44 -2.66
C MET C 221 -22.64 -7.45 -1.19
N VAL C 222 -23.45 -8.44 -0.83
CA VAL C 222 -23.89 -8.66 0.55
C VAL C 222 -22.77 -9.19 1.44
N LYS C 223 -21.91 -10.06 0.93
CA LYS C 223 -20.80 -10.57 1.73
C LYS C 223 -19.55 -9.72 1.72
N HIS C 224 -19.44 -8.83 0.75
CA HIS C 224 -18.19 -8.13 0.48
C HIS C 224 -18.24 -6.69 0.05
N ASN C 225 -17.59 -5.85 0.81
CA ASN C 225 -17.43 -4.43 0.45
C ASN C 225 -16.17 -4.19 -0.39
N ASN C 226 -16.28 -3.43 -1.47
CA ASN C 226 -15.15 -3.21 -2.37
C ASN C 226 -14.30 -2.00 -2.04
N TRP C 227 -15.00 -0.94 -1.59
CA TRP C 227 -14.37 0.30 -1.24
C TRP C 227 -14.74 0.79 0.15
N GLY C 228 -13.82 1.47 0.82
CA GLY C 228 -14.11 2.12 2.09
C GLY C 228 -13.89 3.61 1.93
N ILE C 229 -14.78 4.45 2.45
CA ILE C 229 -14.59 5.89 2.41
C ILE C 229 -14.16 6.29 3.83
N ALA C 230 -12.98 6.86 3.93
CA ALA C 230 -12.47 7.34 5.21
C ALA C 230 -12.30 8.86 5.21
N ILE C 231 -12.96 9.57 6.13
CA ILE C 231 -12.83 11.01 6.23
C ILE C 231 -12.21 11.36 7.56
N LEU C 232 -11.00 11.92 7.58
CA LEU C 232 -10.35 12.30 8.83
C LEU C 232 -9.91 13.76 8.93
N PRO C 233 -10.04 14.47 10.05
CA PRO C 233 -9.58 15.84 10.17
C PRO C 233 -8.06 15.94 10.21
N LEU C 234 -7.43 16.27 9.09
CA LEU C 234 -5.98 16.43 9.03
C LEU C 234 -5.53 17.67 9.80
N ALA C 235 -6.38 18.68 9.75
CA ALA C 235 -6.19 19.91 10.52
C ALA C 235 -7.52 20.22 11.20
N PRO C 236 -7.57 20.38 12.53
CA PRO C 236 -8.82 20.48 13.28
C PRO C 236 -9.63 21.73 13.00
N LEU C 237 -10.93 21.60 13.14
CA LEU C 237 -11.84 22.73 12.93
C LEU C 237 -11.63 23.86 13.91
N ASN C 238 -11.59 25.06 13.36
CA ASN C 238 -11.43 26.24 14.15
C ASN C 238 -12.18 27.45 13.64
N PHE C 239 -12.79 28.20 14.55
CA PHE C 239 -13.56 29.36 14.15
C PHE C 239 -13.49 30.51 15.12
N ALA C 240 -13.14 31.66 14.55
CA ALA C 240 -13.02 32.92 15.28
C ALA C 240 -12.38 32.74 16.64
N SER C 241 -13.16 32.72 17.71
CA SER C 241 -12.62 32.38 19.02
C SER C 241 -13.48 31.37 19.75
N GLU C 242 -14.49 30.82 19.06
CA GLU C 242 -15.42 29.92 19.70
C GLU C 242 -14.72 28.61 20.07
N SER C 243 -14.77 28.34 21.37
CA SER C 243 -14.22 27.09 21.92
C SER C 243 -14.90 25.82 21.46
N SER C 244 -16.18 25.90 21.09
CA SER C 244 -16.88 24.74 20.56
C SER C 244 -17.65 24.95 19.24
N PRO C 245 -16.97 25.09 18.08
CA PRO C 245 -17.63 25.24 16.80
C PRO C 245 -18.15 23.90 16.27
N GLU C 246 -19.01 23.98 15.28
CA GLU C 246 -19.58 22.84 14.59
C GLU C 246 -19.86 23.19 13.13
N ILE C 247 -19.55 22.32 12.17
CA ILE C 247 -20.09 22.48 10.83
C ILE C 247 -20.51 21.11 10.27
N PRO C 248 -21.59 21.00 9.48
CA PRO C 248 -22.04 19.72 8.94
C PRO C 248 -21.18 19.17 7.81
N ILE C 249 -21.14 17.86 7.72
CA ILE C 249 -20.56 17.19 6.56
C ILE C 249 -21.67 16.31 5.99
N THR C 250 -22.07 16.58 4.76
CA THR C 250 -23.04 15.74 4.07
C THR C 250 -22.41 14.88 2.99
N LEU C 251 -22.65 13.58 3.07
CA LEU C 251 -22.13 12.63 2.10
C LEU C 251 -23.16 12.21 1.03
N THR C 252 -22.94 12.50 -0.24
CA THR C 252 -23.88 12.08 -1.30
C THR C 252 -23.21 11.11 -2.28
N ILE C 253 -23.72 9.91 -2.46
CA ILE C 253 -23.11 8.91 -3.32
C ILE C 253 -24.04 8.38 -4.43
N ALA C 254 -23.50 8.26 -5.64
CA ALA C 254 -24.26 7.70 -6.77
C ALA C 254 -23.64 6.43 -7.35
N PRO C 255 -24.33 5.31 -7.39
CA PRO C 255 -23.86 4.13 -8.13
C PRO C 255 -23.69 4.40 -9.61
N MET C 256 -22.70 3.79 -10.21
CA MET C 256 -22.41 3.99 -11.61
C MET C 256 -22.15 2.65 -12.31
N CYS C 257 -22.77 2.48 -13.48
CA CYS C 257 -22.61 1.28 -14.30
C CYS C 257 -22.84 -0.03 -13.54
N CYS C 258 -23.80 -0.03 -12.63
CA CYS C 258 -24.07 -1.23 -11.85
C CYS C 258 -24.86 -2.33 -12.54
N GLU C 259 -24.32 -3.54 -12.51
CA GLU C 259 -25.02 -4.68 -13.05
C GLU C 259 -25.07 -5.85 -12.09
N PHE C 260 -26.15 -6.64 -12.22
CA PHE C 260 -26.43 -7.72 -11.30
C PHE C 260 -26.69 -9.09 -11.94
N ASN C 261 -26.21 -10.17 -11.37
CA ASN C 261 -26.45 -11.51 -11.87
C ASN C 261 -27.00 -12.46 -10.82
N GLY C 262 -27.58 -13.59 -11.21
CA GLY C 262 -28.10 -14.57 -10.27
C GLY C 262 -29.34 -14.13 -9.51
N LEU C 263 -30.44 -13.91 -10.23
CA LEU C 263 -31.72 -13.52 -9.63
C LEU C 263 -32.47 -14.68 -9.01
N ARG C 264 -32.92 -14.42 -7.80
CA ARG C 264 -33.74 -15.35 -7.03
C ARG C 264 -34.59 -14.62 -5.98
N ASN C 265 -34.94 -15.19 -4.83
CA ASN C 265 -35.69 -14.48 -3.82
C ASN C 265 -34.85 -13.47 -3.03
N ILE C 266 -35.43 -12.43 -2.44
CA ILE C 266 -34.65 -11.43 -1.69
C ILE C 266 -33.91 -11.88 -0.43
N THR C 267 -32.65 -11.46 -0.31
CA THR C 267 -31.87 -11.67 0.88
C THR C 267 -32.35 -10.80 2.02
N LEU C 268 -32.68 -11.44 3.14
CA LEU C 268 -33.05 -10.70 4.35
C LEU C 268 -32.00 -10.87 5.44
N PRO C 269 -30.99 -10.00 5.51
CA PRO C 269 -29.85 -10.18 6.41
C PRO C 269 -30.17 -9.95 7.87
N ARG C 270 -29.48 -10.62 8.76
CA ARG C 270 -29.56 -10.35 10.19
C ARG C 270 -28.68 -9.14 10.47
N LEU C 271 -29.24 -7.94 10.44
CA LEU C 271 -28.48 -6.74 10.72
C LEU C 271 -28.46 -6.16 12.14
N GLN C 272 -29.11 -6.83 13.05
CA GLN C 272 -29.08 -6.50 14.48
C GLN C 272 -28.60 -7.78 15.19
N GLY D 1 28.04 -41.18 -20.66
CA GLY D 1 27.38 -40.01 -21.21
C GLY D 1 28.30 -38.82 -21.46
N LEU D 2 27.84 -37.59 -21.67
CA LEU D 2 28.68 -36.42 -21.91
C LEU D 2 29.67 -36.14 -20.78
N PRO D 3 30.96 -36.09 -21.02
CA PRO D 3 31.93 -35.66 -20.02
C PRO D 3 31.66 -34.31 -19.37
N VAL D 4 31.26 -34.24 -18.10
CA VAL D 4 31.09 -32.96 -17.40
C VAL D 4 32.05 -32.78 -16.22
N MET D 5 32.24 -31.57 -15.72
CA MET D 5 33.11 -31.29 -14.60
C MET D 5 32.46 -30.22 -13.73
N ASN D 6 32.09 -30.61 -12.53
CA ASN D 6 31.45 -29.72 -11.59
C ASN D 6 32.30 -28.54 -11.13
N THR D 7 31.80 -27.31 -11.30
CA THR D 7 32.54 -26.13 -10.85
C THR D 7 32.22 -25.75 -9.41
N PRO D 8 32.98 -24.95 -8.65
CA PRO D 8 32.45 -24.32 -7.45
C PRO D 8 31.08 -23.65 -7.61
N GLY D 9 30.31 -23.63 -6.55
CA GLY D 9 28.93 -23.16 -6.60
C GLY D 9 27.94 -24.33 -6.75
N SER D 10 28.41 -25.48 -7.20
CA SER D 10 27.56 -26.66 -7.31
C SER D 10 26.79 -27.10 -6.09
N ASN D 11 25.46 -27.23 -6.17
CA ASN D 11 24.53 -27.66 -5.12
C ASN D 11 24.18 -26.62 -4.07
N GLN D 12 24.74 -25.42 -4.16
CA GLN D 12 24.41 -24.36 -3.22
C GLN D 12 23.04 -23.79 -3.47
N TYR D 13 22.50 -23.12 -2.45
CA TYR D 13 21.28 -22.40 -2.69
C TYR D 13 21.44 -20.91 -2.44
N LEU D 14 21.62 -20.17 -3.53
CA LEU D 14 21.62 -18.70 -3.44
C LEU D 14 20.18 -18.17 -3.49
N THR D 15 19.68 -17.52 -2.44
CA THR D 15 18.31 -17.03 -2.41
C THR D 15 17.96 -16.00 -3.49
N ALA D 16 18.98 -15.35 -4.05
CA ALA D 16 18.83 -14.45 -5.16
C ALA D 16 19.06 -15.09 -6.55
N ASP D 17 19.12 -16.43 -6.65
CA ASP D 17 19.34 -17.04 -7.94
C ASP D 17 18.16 -16.99 -8.92
N ASN D 18 18.40 -17.31 -10.19
CA ASN D 18 17.34 -17.25 -11.19
C ASN D 18 17.33 -18.43 -12.18
N PHE D 19 16.91 -19.57 -11.68
CA PHE D 19 16.92 -20.79 -12.45
C PHE D 19 15.54 -21.40 -12.74
N GLN D 20 15.47 -22.26 -13.75
CA GLN D 20 14.27 -23.05 -14.01
C GLN D 20 14.16 -24.23 -13.03
N SER D 21 12.96 -24.62 -12.67
CA SER D 21 12.73 -25.79 -11.82
C SER D 21 11.50 -26.58 -12.24
N PRO D 22 11.32 -27.88 -11.99
CA PRO D 22 10.13 -28.60 -12.38
C PRO D 22 8.83 -28.11 -11.78
N CYS D 23 7.77 -28.05 -12.59
CA CYS D 23 6.44 -27.64 -12.12
C CYS D 23 5.68 -28.76 -11.43
N ALA D 24 5.21 -28.53 -10.21
CA ALA D 24 4.49 -29.55 -9.46
C ALA D 24 3.05 -29.84 -9.93
N LEU D 25 2.48 -28.89 -10.64
CA LEU D 25 1.15 -29.02 -11.18
C LEU D 25 1.13 -28.86 -12.70
N PRO D 26 1.54 -29.86 -13.49
CA PRO D 26 1.53 -29.80 -14.95
C PRO D 26 0.14 -29.64 -15.53
N GLU D 27 0.04 -29.02 -16.68
CA GLU D 27 -1.22 -28.76 -17.39
C GLU D 27 -2.39 -28.12 -16.63
N PHE D 28 -2.11 -27.51 -15.49
CA PHE D 28 -3.09 -26.78 -14.68
C PHE D 28 -3.74 -25.66 -15.47
N ASP D 29 -5.05 -25.64 -15.49
CA ASP D 29 -5.79 -24.59 -16.17
C ASP D 29 -5.77 -23.27 -15.42
N VAL D 30 -4.82 -22.42 -15.76
CA VAL D 30 -4.69 -21.13 -15.11
C VAL D 30 -5.83 -20.11 -15.34
N THR D 31 -6.32 -19.47 -14.29
CA THR D 31 -7.30 -18.41 -14.47
C THR D 31 -6.64 -17.21 -15.12
N PRO D 32 -7.22 -16.62 -16.18
CA PRO D 32 -6.64 -15.49 -16.87
C PRO D 32 -6.69 -14.20 -16.06
N PRO D 33 -5.84 -13.21 -16.34
CA PRO D 33 -5.93 -11.92 -15.68
C PRO D 33 -7.13 -11.14 -16.17
N ILE D 34 -7.66 -10.27 -15.32
CA ILE D 34 -8.65 -9.28 -15.80
C ILE D 34 -8.00 -7.90 -15.64
N ASP D 35 -8.50 -6.85 -16.22
CA ASP D 35 -7.89 -5.53 -16.12
C ASP D 35 -8.21 -4.76 -14.83
N ILE D 36 -7.61 -5.17 -13.73
CA ILE D 36 -7.77 -4.49 -12.44
C ILE D 36 -7.20 -3.08 -12.50
N PRO D 37 -7.90 -2.00 -12.15
CA PRO D 37 -7.30 -0.69 -11.98
C PRO D 37 -6.20 -0.58 -10.94
N GLY D 38 -5.24 0.33 -11.15
CA GLY D 38 -4.16 0.54 -10.19
C GLY D 38 -2.92 -0.37 -10.29
N GLU D 39 -2.53 -0.87 -11.46
CA GLU D 39 -1.31 -1.69 -11.55
C GLU D 39 -0.01 -0.93 -11.33
N VAL D 40 0.93 -1.48 -10.57
CA VAL D 40 2.21 -0.81 -10.38
C VAL D 40 3.32 -1.58 -11.08
N LYS D 41 4.18 -0.86 -11.79
CA LYS D 41 5.34 -1.51 -12.43
C LYS D 41 6.65 -1.37 -11.69
N ASN D 42 6.83 -0.28 -10.94
CA ASN D 42 8.08 -0.03 -10.24
C ASN D 42 7.86 0.65 -8.90
N MET D 43 8.55 0.23 -7.82
CA MET D 43 8.41 0.86 -6.50
C MET D 43 8.63 2.37 -6.45
N MET D 44 9.48 2.93 -7.33
CA MET D 44 9.68 4.38 -7.40
C MET D 44 8.45 5.18 -7.80
N GLU D 45 7.48 4.55 -8.48
CA GLU D 45 6.19 5.20 -8.74
C GLU D 45 5.52 5.60 -7.42
N LEU D 46 5.65 4.75 -6.41
CA LEU D 46 5.04 5.02 -5.12
C LEU D 46 5.76 6.13 -4.38
N ALA D 47 7.08 6.17 -4.48
CA ALA D 47 7.87 7.23 -3.89
C ALA D 47 7.60 8.59 -4.51
N GLU D 48 7.05 8.63 -5.74
CA GLU D 48 6.69 9.89 -6.38
C GLU D 48 5.33 10.46 -5.96
N ILE D 49 4.55 9.75 -5.17
CA ILE D 49 3.27 10.24 -4.63
C ILE D 49 3.48 11.05 -3.36
N ASP D 50 2.95 12.26 -3.19
CA ASP D 50 3.08 12.99 -1.93
C ASP D 50 2.50 12.31 -0.70
N THR D 51 3.32 12.22 0.34
CA THR D 51 2.90 11.67 1.63
C THR D 51 3.09 12.67 2.75
N MET D 52 2.26 12.69 3.78
CA MET D 52 2.38 13.67 4.85
C MET D 52 3.50 13.41 5.88
N ILE D 53 4.31 14.41 6.19
CA ILE D 53 5.42 14.32 7.14
C ILE D 53 5.04 14.42 8.63
N PRO D 54 5.40 13.51 9.53
CA PRO D 54 5.17 13.66 10.98
C PRO D 54 6.18 14.66 11.53
N PHE D 55 6.05 15.95 11.22
CA PHE D 55 7.01 16.96 11.67
C PHE D 55 7.21 17.10 13.18
N ASP D 56 6.14 17.06 13.95
CA ASP D 56 6.29 17.26 15.38
C ASP D 56 6.32 15.99 16.20
N LEU D 57 7.45 15.29 16.26
CA LEU D 57 7.55 14.10 17.08
C LEU D 57 7.97 14.36 18.53
N SER D 58 7.41 15.42 19.10
CA SER D 58 7.66 15.74 20.50
C SER D 58 7.07 14.69 21.42
N ALA D 59 7.60 14.49 22.63
CA ALA D 59 7.08 13.47 23.55
C ALA D 59 5.57 13.37 23.76
N THR D 60 4.84 14.46 23.63
CA THR D 60 3.38 14.41 23.70
C THR D 60 2.65 14.45 22.37
N LYS D 61 3.27 14.86 21.26
CA LYS D 61 2.57 14.84 19.98
C LYS D 61 2.86 13.54 19.20
N LYS D 62 4.01 12.89 19.37
CA LYS D 62 4.34 11.70 18.60
C LYS D 62 3.34 10.56 18.69
N ASN D 63 3.17 9.76 17.65
CA ASN D 63 2.20 8.67 17.63
C ASN D 63 0.76 9.09 17.96
N THR D 64 0.45 10.33 17.63
CA THR D 64 -0.90 10.86 17.70
C THR D 64 -1.13 11.66 16.44
N MET D 65 -2.35 12.05 16.06
CA MET D 65 -2.58 12.89 14.86
C MET D 65 -1.89 14.25 14.89
N GLU D 66 -1.61 14.75 16.09
CA GLU D 66 -0.90 16.00 16.32
C GLU D 66 0.48 16.09 15.70
N MET D 67 1.18 14.96 15.59
CA MET D 67 2.52 14.93 14.98
C MET D 67 2.60 15.45 13.55
N TYR D 68 1.47 15.43 12.85
CA TYR D 68 1.38 15.93 11.49
C TYR D 68 1.14 17.41 11.37
N ARG D 69 0.75 18.08 12.45
CA ARG D 69 0.39 19.50 12.37
C ARG D 69 1.45 20.48 12.80
N VAL D 70 1.99 21.32 11.91
CA VAL D 70 2.94 22.35 12.36
C VAL D 70 2.19 23.64 12.66
N ARG D 71 2.10 24.03 13.92
CA ARG D 71 1.38 25.25 14.29
C ARG D 71 2.12 26.58 14.09
N LEU D 72 1.41 27.49 13.45
CA LEU D 72 1.90 28.84 13.24
C LEU D 72 1.00 29.82 13.97
N SER D 73 1.46 31.06 14.15
CA SER D 73 0.63 32.09 14.78
C SER D 73 0.87 33.47 14.27
N ASP D 74 -0.04 34.42 14.50
CA ASP D 74 0.14 35.79 14.04
C ASP D 74 1.09 36.67 14.85
N LYS D 75 2.03 36.05 15.53
CA LYS D 75 2.98 36.75 16.38
C LYS D 75 3.98 37.63 15.65
N PRO D 76 4.61 38.66 16.21
CA PRO D 76 5.53 39.52 15.47
C PRO D 76 6.69 38.81 14.81
N HIS D 77 7.26 39.42 13.77
CA HIS D 77 8.34 38.76 13.06
C HIS D 77 9.53 38.41 13.91
N THR D 78 9.92 37.15 13.75
CA THR D 78 11.14 36.65 14.33
C THR D 78 11.98 35.97 13.25
N ASP D 79 13.30 35.88 13.45
CA ASP D 79 14.16 35.15 12.53
C ASP D 79 14.49 33.74 12.96
N ASP D 80 13.74 33.25 13.97
CA ASP D 80 13.90 31.89 14.46
C ASP D 80 13.12 30.80 13.73
N PRO D 81 13.59 29.57 13.62
CA PRO D 81 12.96 28.55 12.78
C PRO D 81 11.59 28.05 13.22
N ILE D 82 10.68 27.86 12.29
CA ILE D 82 9.40 27.20 12.53
C ILE D 82 9.67 25.70 12.73
N LEU D 83 10.48 25.15 11.84
CA LEU D 83 10.91 23.77 11.93
C LEU D 83 12.31 23.58 11.33
N CYS D 84 13.01 22.57 11.82
CA CYS D 84 14.34 22.23 11.33
C CYS D 84 14.36 20.75 11.01
N LEU D 85 14.99 20.32 9.93
CA LEU D 85 14.94 18.94 9.50
C LEU D 85 16.21 18.49 8.77
N SER D 86 16.84 17.40 9.15
CA SER D 86 17.97 16.86 8.38
C SER D 86 17.62 16.09 7.12
N LEU D 87 18.20 16.38 5.95
CA LEU D 87 17.93 15.61 4.74
C LEU D 87 18.55 14.21 4.77
N SER D 88 17.85 13.35 5.49
CA SER D 88 18.24 11.97 5.66
C SER D 88 17.02 11.07 5.44
N PRO D 89 16.50 10.95 4.19
CA PRO D 89 15.14 10.49 3.95
C PRO D 89 14.75 9.13 4.52
N ALA D 90 15.71 8.23 4.65
CA ALA D 90 15.46 6.93 5.28
C ALA D 90 15.71 6.84 6.76
N SER D 91 16.54 7.72 7.34
CA SER D 91 16.90 7.62 8.76
C SER D 91 16.41 8.72 9.70
N ASP D 92 16.19 9.94 9.24
CA ASP D 92 15.64 10.98 10.10
C ASP D 92 14.23 10.60 10.57
N PRO D 93 13.88 10.64 11.87
CA PRO D 93 12.59 10.13 12.39
C PRO D 93 11.34 10.72 11.75
N ARG D 94 11.45 11.95 11.29
CA ARG D 94 10.36 12.62 10.59
C ARG D 94 10.14 12.19 9.14
N LEU D 95 11.19 11.73 8.46
CA LEU D 95 11.08 11.27 7.08
C LEU D 95 11.02 9.75 6.91
N SER D 96 11.79 9.01 7.73
CA SER D 96 11.89 7.55 7.65
C SER D 96 10.65 6.66 7.58
N HIS D 97 9.50 7.16 8.02
CA HIS D 97 8.27 6.40 7.98
C HIS D 97 7.19 6.89 7.02
N THR D 98 7.56 7.88 6.22
CA THR D 98 6.72 8.37 5.13
C THR D 98 6.78 7.36 3.98
N MET D 99 5.89 7.26 2.99
CA MET D 99 6.04 6.24 1.93
C MET D 99 7.42 6.20 1.25
N LEU D 100 8.00 7.38 0.97
CA LEU D 100 9.36 7.51 0.46
C LEU D 100 10.38 6.91 1.41
N GLY D 101 10.30 7.30 2.68
CA GLY D 101 11.20 6.77 3.70
C GLY D 101 11.14 5.25 3.82
N GLU D 102 9.91 4.73 3.79
CA GLU D 102 9.67 3.29 3.85
C GLU D 102 10.27 2.50 2.70
N ILE D 103 10.04 2.92 1.45
CA ILE D 103 10.62 2.23 0.29
C ILE D 103 12.16 2.30 0.37
N LEU D 104 12.70 3.47 0.73
CA LEU D 104 14.12 3.62 0.94
C LEU D 104 14.71 2.69 1.99
N ASN D 105 13.94 2.31 3.00
CA ASN D 105 14.39 1.34 4.00
C ASN D 105 14.42 -0.14 3.57
N TYR D 106 14.09 -0.40 2.32
CA TYR D 106 14.27 -1.72 1.70
C TYR D 106 15.48 -1.70 0.75
N TYR D 107 16.22 -0.60 0.74
CA TYR D 107 17.37 -0.44 -0.14
C TYR D 107 18.56 0.17 0.60
N THR D 108 19.77 -0.04 0.12
CA THR D 108 20.96 0.47 0.80
C THR D 108 21.39 1.85 0.32
N HIS D 109 21.10 2.17 -0.94
CA HIS D 109 21.57 3.43 -1.54
C HIS D 109 20.49 4.26 -2.22
N TRP D 110 20.42 5.57 -2.02
CA TRP D 110 19.46 6.41 -2.75
C TRP D 110 20.11 7.55 -3.54
N ALA D 111 19.45 8.01 -4.59
CA ALA D 111 19.93 9.15 -5.39
C ALA D 111 18.82 9.91 -6.07
N GLY D 112 19.00 11.20 -6.33
CA GLY D 112 18.00 12.00 -7.01
C GLY D 112 17.46 13.18 -6.22
N SER D 113 16.54 13.91 -6.83
CA SER D 113 15.98 15.09 -6.21
C SER D 113 14.67 14.87 -5.49
N LEU D 114 14.45 15.62 -4.42
CA LEU D 114 13.26 15.48 -3.60
C LEU D 114 12.44 16.76 -3.62
N LYS D 115 11.14 16.71 -3.39
CA LYS D 115 10.38 17.94 -3.26
C LYS D 115 9.43 17.97 -2.07
N PHE D 116 9.51 19.07 -1.36
CA PHE D 116 8.66 19.30 -0.20
C PHE D 116 7.54 20.27 -0.53
N THR D 117 6.31 19.88 -0.29
CA THR D 117 5.18 20.78 -0.50
C THR D 117 4.48 21.08 0.80
N PHE D 118 4.24 22.35 1.08
CA PHE D 118 3.56 22.75 2.29
C PHE D 118 2.14 23.27 2.04
N LEU D 119 1.16 22.80 2.82
CA LEU D 119 -0.23 23.25 2.70
C LEU D 119 -0.69 24.15 3.84
N PHE D 120 -1.11 25.38 3.54
CA PHE D 120 -1.64 26.27 4.56
C PHE D 120 -3.09 25.95 4.90
N CYS D 121 -3.33 25.44 6.10
CA CYS D 121 -4.69 25.10 6.53
C CYS D 121 -5.34 26.15 7.43
N GLY D 122 -4.95 27.41 7.25
CA GLY D 122 -5.54 28.50 8.02
C GLY D 122 -6.79 29.07 7.36
N SER D 123 -7.41 30.12 7.90
CA SER D 123 -8.57 30.71 7.25
C SER D 123 -8.23 31.53 6.01
N MET D 124 -9.18 31.82 5.12
CA MET D 124 -8.93 32.64 3.93
C MET D 124 -8.54 34.05 4.29
N MET D 125 -9.03 34.54 5.43
CA MET D 125 -8.68 35.88 5.88
C MET D 125 -7.25 36.02 6.41
N ALA D 126 -6.56 34.92 6.63
CA ALA D 126 -5.18 34.94 7.08
C ALA D 126 -4.16 35.06 5.95
N THR D 127 -3.25 36.01 6.07
CA THR D 127 -2.20 36.15 5.05
C THR D 127 -0.80 35.92 5.59
N GLY D 128 0.21 35.78 4.76
CA GLY D 128 1.57 35.65 5.27
C GLY D 128 2.62 35.28 4.22
N LYS D 129 3.88 35.59 4.47
CA LYS D 129 4.94 35.11 3.60
C LYS D 129 5.94 34.29 4.40
N LEU D 130 6.20 33.07 3.96
CA LEU D 130 7.17 32.20 4.62
C LEU D 130 8.39 31.88 3.76
N LEU D 131 9.53 31.58 4.38
CA LEU D 131 10.71 31.17 3.63
C LEU D 131 11.09 29.72 3.92
N VAL D 132 11.09 28.93 2.86
CA VAL D 132 11.45 27.52 2.94
C VAL D 132 12.86 27.33 2.40
N SER D 133 13.74 26.76 3.21
CA SER D 133 15.14 26.60 2.85
C SER D 133 15.77 25.22 2.84
N TYR D 134 16.78 25.13 1.98
CA TYR D 134 17.66 23.97 1.86
C TYR D 134 19.12 24.41 1.79
N ALA D 135 19.87 24.01 2.81
CA ALA D 135 21.30 24.24 2.86
C ALA D 135 22.06 22.94 2.64
N PRO D 136 22.80 22.77 1.54
CA PRO D 136 23.71 21.65 1.38
C PRO D 136 24.74 21.48 2.51
N PRO D 137 25.23 20.27 2.81
CA PRO D 137 26.02 19.98 4.00
C PRO D 137 27.37 20.68 4.09
N GLY D 138 28.05 20.72 5.23
CA GLY D 138 29.39 21.28 5.29
C GLY D 138 29.57 22.52 6.14
N ALA D 139 28.53 23.28 6.38
CA ALA D 139 28.59 24.41 7.29
C ALA D 139 27.74 24.27 8.56
N ASP D 140 27.66 25.32 9.37
CA ASP D 140 26.77 25.34 10.53
C ASP D 140 25.33 25.25 10.13
N PRO D 141 24.57 24.26 10.60
CA PRO D 141 23.15 24.15 10.32
C PRO D 141 22.39 25.43 10.66
N PRO D 142 21.59 26.00 9.76
CA PRO D 142 20.98 27.29 9.98
C PRO D 142 20.00 27.38 11.13
N LYS D 143 20.29 28.28 12.07
CA LYS D 143 19.33 28.55 13.14
C LYS D 143 18.66 29.92 13.10
N LYS D 144 18.93 30.68 12.06
CA LYS D 144 18.39 32.01 11.86
C LYS D 144 18.14 32.27 10.37
N ARG D 145 17.05 32.96 9.99
CA ARG D 145 16.74 33.29 8.61
C ARG D 145 17.93 33.77 7.77
N LYS D 146 18.75 34.67 8.32
CA LYS D 146 19.95 35.17 7.66
C LYS D 146 20.85 34.08 7.13
N GLU D 147 21.13 32.98 7.84
CA GLU D 147 21.92 31.92 7.23
C GLU D 147 21.11 31.08 6.24
N ALA D 148 19.87 30.74 6.56
CA ALA D 148 19.04 29.94 5.64
C ALA D 148 18.83 30.56 4.26
N MET D 149 18.65 31.86 4.30
CA MET D 149 18.53 32.72 3.12
C MET D 149 19.67 32.52 2.12
N LEU D 150 20.90 32.28 2.60
CA LEU D 150 22.05 32.11 1.74
C LEU D 150 22.10 30.82 0.91
N GLY D 151 21.21 29.87 1.16
CA GLY D 151 21.16 28.65 0.40
C GLY D 151 19.93 28.54 -0.50
N THR D 152 19.63 27.32 -0.94
CA THR D 152 18.52 27.07 -1.84
C THR D 152 17.22 27.37 -1.16
N HIS D 153 16.46 28.36 -1.61
CA HIS D 153 15.20 28.67 -0.94
C HIS D 153 14.07 29.20 -1.78
N VAL D 154 12.86 29.02 -1.26
CA VAL D 154 11.65 29.54 -1.87
C VAL D 154 10.94 30.47 -0.88
N ILE D 155 10.56 31.66 -1.33
CA ILE D 155 9.73 32.56 -0.53
C ILE D 155 8.29 32.37 -1.00
N TRP D 156 7.53 31.71 -0.10
CA TRP D 156 6.14 31.39 -0.31
C TRP D 156 5.18 32.50 0.12
N ASP D 157 4.40 33.03 -0.81
CA ASP D 157 3.35 33.97 -0.45
C ASP D 157 1.99 33.28 -0.35
N ILE D 158 1.41 33.28 0.84
CA ILE D 158 0.10 32.69 1.08
C ILE D 158 -1.05 33.47 0.40
N GLY D 159 -1.89 32.75 -0.32
CA GLY D 159 -3.00 33.30 -1.07
C GLY D 159 -3.89 32.21 -1.69
N LEU D 160 -4.63 32.38 -2.80
CA LEU D 160 -5.55 31.35 -3.33
C LEU D 160 -4.92 30.00 -3.64
N GLN D 161 -3.70 29.98 -4.18
CA GLN D 161 -2.99 28.72 -4.34
C GLN D 161 -2.39 28.42 -2.98
N SER D 162 -3.16 27.57 -2.33
CA SER D 162 -2.89 27.11 -0.97
C SER D 162 -1.55 26.51 -0.56
N SER D 163 -0.93 25.87 -1.53
CA SER D 163 0.27 25.13 -1.28
C SER D 163 1.51 25.60 -2.02
N CYS D 164 2.69 25.37 -1.44
CA CYS D 164 3.94 25.74 -2.11
C CYS D 164 4.95 24.60 -2.14
N THR D 165 5.63 24.42 -3.26
CA THR D 165 6.61 23.34 -3.40
C THR D 165 8.06 23.84 -3.49
N MET D 166 8.91 23.37 -2.60
CA MET D 166 10.33 23.60 -2.73
C MET D 166 10.99 22.32 -3.23
N VAL D 167 11.77 22.40 -4.31
CA VAL D 167 12.51 21.23 -4.77
C VAL D 167 13.91 21.22 -4.15
N VAL D 168 14.28 20.17 -3.45
CA VAL D 168 15.61 19.95 -2.95
C VAL D 168 16.40 19.29 -4.09
N PRO D 169 17.30 20.01 -4.76
CA PRO D 169 17.98 19.52 -5.95
C PRO D 169 19.04 18.50 -5.61
N TRP D 170 19.28 17.42 -6.39
CA TRP D 170 20.38 16.50 -6.09
C TRP D 170 21.76 17.19 -6.13
N ILE D 171 22.30 17.46 -4.95
CA ILE D 171 23.64 18.04 -4.81
C ILE D 171 24.40 17.14 -3.84
N SER D 172 25.23 16.25 -4.38
CA SER D 172 25.99 15.29 -3.60
C SER D 172 27.39 15.12 -4.16
N ASN D 173 28.35 14.73 -3.33
CA ASN D 173 29.66 14.38 -3.84
C ASN D 173 29.67 12.96 -4.44
N THR D 174 29.05 12.06 -3.72
CA THR D 174 28.93 10.68 -4.14
C THR D 174 27.77 10.48 -5.12
N THR D 175 27.85 9.44 -5.92
CA THR D 175 26.82 9.14 -6.91
C THR D 175 25.52 8.65 -6.28
N TYR D 176 25.66 8.03 -5.11
CA TYR D 176 24.55 7.55 -4.30
C TYR D 176 24.81 7.77 -2.80
N ARG D 177 23.82 8.22 -2.08
CA ARG D 177 23.90 8.31 -0.62
C ARG D 177 23.43 7.04 0.09
N GLN D 178 23.79 6.82 1.33
CA GLN D 178 23.30 5.64 2.07
C GLN D 178 21.98 5.86 2.76
N THR D 179 21.21 4.81 3.01
CA THR D 179 19.93 4.93 3.71
C THR D 179 20.02 4.84 5.23
N ILE D 180 21.15 5.29 5.75
CA ILE D 180 21.43 5.36 7.19
C ILE D 180 22.06 6.70 7.55
N ASP D 181 22.08 7.13 8.81
CA ASP D 181 22.85 8.33 9.16
C ASP D 181 24.34 8.06 9.02
N ASP D 182 24.96 8.80 8.14
CA ASP D 182 26.38 8.73 7.87
C ASP D 182 26.98 10.06 7.43
N SER D 183 27.89 10.63 8.18
CA SER D 183 28.53 11.91 7.83
C SER D 183 29.15 12.03 6.46
N PHE D 184 29.72 10.93 5.95
CA PHE D 184 30.29 10.94 4.61
C PHE D 184 29.24 11.17 3.51
N THR D 185 28.02 10.68 3.70
CA THR D 185 26.98 10.88 2.69
C THR D 185 25.80 11.68 3.24
N GLU D 186 26.11 12.67 4.07
CA GLU D 186 25.09 13.53 4.62
C GLU D 186 24.43 14.43 3.58
N GLY D 187 23.12 14.58 3.66
CA GLY D 187 22.38 15.37 2.69
C GLY D 187 22.24 16.84 2.97
N GLY D 188 22.28 17.33 4.20
CA GLY D 188 22.08 18.77 4.44
C GLY D 188 20.87 19.13 5.28
N TYR D 189 20.44 20.38 5.22
CA TYR D 189 19.42 20.88 6.12
C TYR D 189 18.20 21.59 5.57
N ILE D 190 16.99 21.11 5.86
CA ILE D 190 15.76 21.82 5.53
C ILE D 190 15.27 22.62 6.75
N SER D 191 14.90 23.87 6.53
CA SER D 191 14.33 24.70 7.59
C SER D 191 13.32 25.69 7.06
N VAL D 192 12.31 26.00 7.86
CA VAL D 192 11.29 26.97 7.46
C VAL D 192 11.26 28.17 8.38
N PHE D 193 11.05 29.35 7.82
CA PHE D 193 11.03 30.61 8.54
C PHE D 193 9.86 31.53 8.20
N TYR D 194 9.57 32.52 9.07
CA TYR D 194 8.60 33.55 8.70
C TYR D 194 9.29 34.65 7.89
N GLN D 195 8.94 34.95 6.65
CA GLN D 195 9.58 36.06 5.91
C GLN D 195 9.07 37.41 6.43
N THR D 196 7.77 37.52 6.56
CA THR D 196 7.17 38.67 7.21
C THR D 196 6.53 38.15 8.50
N ARG D 197 5.23 37.91 8.58
CA ARG D 197 4.54 37.27 9.69
C ARG D 197 3.14 36.89 9.21
N ILE D 198 2.42 36.01 9.92
CA ILE D 198 1.04 35.71 9.55
C ILE D 198 0.21 36.89 10.06
N VAL D 199 -0.63 37.46 9.21
CA VAL D 199 -1.50 38.55 9.63
C VAL D 199 -2.97 38.14 9.49
N VAL D 200 -3.72 38.22 10.58
CA VAL D 200 -5.18 38.01 10.54
C VAL D 200 -5.92 39.30 10.88
N PRO D 201 -7.21 39.45 10.54
CA PRO D 201 -8.04 40.51 11.07
C PRO D 201 -8.65 40.10 12.42
N LEU D 202 -9.50 40.97 12.97
CA LEU D 202 -10.24 40.60 14.17
C LEU D 202 -11.27 39.50 13.86
N SER D 203 -11.90 38.84 14.84
CA SER D 203 -12.87 37.75 14.62
C SER D 203 -12.36 36.56 13.83
N THR D 204 -11.05 36.45 13.69
CA THR D 204 -10.37 35.41 12.92
C THR D 204 -9.44 34.64 13.83
N PRO D 205 -9.30 33.31 13.80
CA PRO D 205 -8.30 32.58 14.55
C PRO D 205 -6.85 32.98 14.33
N ARG D 206 -6.18 33.34 15.42
CA ARG D 206 -4.78 33.76 15.40
C ARG D 206 -3.70 32.66 15.29
N GLU D 207 -4.16 31.41 15.37
CA GLU D 207 -3.30 30.25 15.23
C GLU D 207 -3.87 29.28 14.20
N MET D 208 -2.98 28.77 13.37
CA MET D 208 -3.37 27.83 12.33
C MET D 208 -2.32 26.79 12.06
N ASP D 209 -2.69 25.72 11.36
CA ASP D 209 -1.70 24.70 11.04
C ASP D 209 -1.26 24.63 9.59
N ILE D 210 -0.02 24.22 9.39
CA ILE D 210 0.41 23.85 8.05
C ILE D 210 0.76 22.39 8.06
N LEU D 211 0.50 21.76 6.94
CA LEU D 211 0.82 20.36 6.73
C LEU D 211 1.96 20.25 5.72
N GLY D 212 2.84 19.27 5.88
CA GLY D 212 3.95 19.11 4.93
C GLY D 212 3.94 17.78 4.20
N PHE D 213 4.32 17.77 2.95
CA PHE D 213 4.36 16.55 2.15
C PHE D 213 5.70 16.33 1.48
N VAL D 214 6.14 15.08 1.39
CA VAL D 214 7.37 14.79 0.63
C VAL D 214 7.13 13.75 -0.44
N SER D 215 7.79 13.99 -1.56
CA SER D 215 7.81 13.00 -2.65
C SER D 215 9.07 13.09 -3.50
N ALA D 216 9.34 12.02 -4.27
CA ALA D 216 10.50 12.00 -5.13
C ALA D 216 10.34 12.58 -6.52
N CYS D 217 11.37 13.20 -7.05
CA CYS D 217 11.35 13.71 -8.43
C CYS D 217 11.63 12.63 -9.47
N ASN D 218 11.30 12.79 -10.76
CA ASN D 218 11.60 11.76 -11.76
C ASN D 218 13.05 11.31 -12.00
N ASP D 219 14.01 11.96 -11.35
CA ASP D 219 15.41 11.61 -11.49
C ASP D 219 15.90 10.79 -10.29
N PHE D 220 14.94 10.36 -9.46
CA PHE D 220 15.23 9.65 -8.23
C PHE D 220 15.27 8.14 -8.41
N SER D 221 16.32 7.51 -7.91
CA SER D 221 16.43 6.06 -7.94
C SER D 221 17.05 5.47 -6.67
N VAL D 222 16.85 4.18 -6.46
CA VAL D 222 17.38 3.47 -5.30
C VAL D 222 18.04 2.16 -5.71
N ARG D 223 19.02 1.67 -4.98
CA ARG D 223 19.62 0.37 -5.28
C ARG D 223 20.16 -0.42 -4.08
N LEU D 224 20.55 -1.66 -4.34
CA LEU D 224 20.96 -2.69 -3.39
C LEU D 224 19.87 -3.02 -2.37
N LEU D 225 18.98 -3.90 -2.82
CA LEU D 225 17.85 -4.38 -2.01
C LEU D 225 18.28 -4.99 -0.68
N ARG D 226 17.60 -4.63 0.38
CA ARG D 226 17.90 -5.09 1.72
C ARG D 226 16.69 -5.21 2.63
N ASP D 227 16.85 -5.92 3.73
CA ASP D 227 15.80 -6.00 4.73
C ASP D 227 15.63 -4.78 5.63
N THR D 228 14.38 -4.43 5.84
CA THR D 228 14.06 -3.29 6.67
C THR D 228 14.11 -3.53 8.17
N THR D 229 14.43 -2.51 8.92
CA THR D 229 14.32 -2.54 10.37
C THR D 229 12.95 -2.10 10.83
N HIS D 230 12.05 -1.70 9.93
CA HIS D 230 10.75 -1.20 10.32
C HIS D 230 9.64 -2.21 10.58
N ILE D 231 10.01 -3.48 10.63
CA ILE D 231 9.13 -4.61 10.95
C ILE D 231 10.01 -5.70 11.50
N GLU D 232 9.52 -6.49 12.43
CA GLU D 232 10.31 -7.58 13.02
C GLU D 232 9.50 -8.69 13.67
N GLN D 233 10.12 -9.75 14.13
CA GLN D 233 9.39 -10.85 14.73
C GLN D 233 10.12 -11.51 15.89
N LYS D 234 10.15 -10.90 17.07
CA LYS D 234 10.73 -11.54 18.26
C LYS D 234 9.89 -12.79 18.61
N ALA D 235 10.51 -13.96 18.48
CA ALA D 235 9.96 -15.31 18.69
C ALA D 235 9.15 -15.90 17.57
N GLY E 1 15.48 -23.30 -30.60
CA GLY E 1 14.64 -22.47 -29.74
C GLY E 1 15.42 -21.59 -28.76
N ALA E 2 16.72 -21.39 -28.96
CA ALA E 2 17.52 -20.61 -28.04
C ALA E 2 17.28 -19.12 -28.07
N GLN E 3 17.00 -18.55 -26.92
CA GLN E 3 16.75 -17.14 -26.76
C GLN E 3 18.02 -16.36 -26.44
N VAL E 4 18.37 -15.35 -27.26
CA VAL E 4 19.60 -14.59 -27.04
C VAL E 4 19.33 -13.14 -26.77
N SER E 5 19.78 -12.67 -25.62
CA SER E 5 19.51 -11.30 -25.20
C SER E 5 20.70 -10.50 -24.72
N SER E 6 20.64 -9.17 -24.70
CA SER E 6 21.74 -8.32 -24.22
C SER E 6 21.91 -8.11 -22.74
N GLN E 7 23.15 -8.13 -22.27
CA GLN E 7 23.43 -7.74 -20.90
C GLN E 7 23.63 -6.23 -20.76
N LYS E 8 23.16 -5.55 -19.72
CA LYS E 8 23.58 -4.15 -19.53
C LYS E 8 24.96 -4.14 -18.86
N VAL E 9 26.03 -4.08 -19.62
CA VAL E 9 27.35 -4.18 -18.98
C VAL E 9 27.84 -2.98 -18.15
N GLY E 10 27.83 -3.13 -16.81
CA GLY E 10 28.41 -2.13 -15.91
C GLY E 10 29.95 -2.07 -15.87
N ALA E 11 30.66 -2.65 -14.88
CA ALA E 11 32.13 -2.71 -14.91
C ALA E 11 32.73 -3.63 -16.01
N HIS E 12 33.42 -2.96 -16.92
CA HIS E 12 34.09 -3.60 -18.05
C HIS E 12 35.54 -3.90 -17.69
N GLU E 13 35.99 -5.04 -18.23
CA GLU E 13 37.39 -5.45 -18.15
C GLU E 13 38.28 -4.53 -19.01
N ASN E 14 39.62 -4.47 -18.88
CA ASN E 14 40.45 -3.80 -19.94
C ASN E 14 40.50 -4.65 -21.23
N SER E 15 39.34 -5.13 -21.66
CA SER E 15 39.20 -6.13 -22.70
C SER E 15 38.77 -5.63 -24.07
N SER E 22 30.49 -2.72 -29.04
CA SER E 22 30.38 -4.19 -28.93
C SER E 22 29.49 -4.74 -27.80
N THR E 23 28.25 -5.20 -28.12
CA THR E 23 27.33 -5.74 -27.10
C THR E 23 27.70 -7.11 -26.47
N ILE E 24 27.46 -7.39 -25.17
CA ILE E 24 27.70 -8.74 -24.66
C ILE E 24 26.36 -9.43 -24.47
N ASN E 25 26.23 -10.68 -24.92
CA ASN E 25 24.94 -11.35 -24.81
C ASN E 25 24.95 -12.57 -23.90
N TYR E 26 23.75 -13.01 -23.54
CA TYR E 26 23.58 -14.25 -22.84
C TYR E 26 22.47 -15.08 -23.47
N THR E 27 22.57 -16.37 -23.28
CA THR E 27 21.66 -17.32 -23.91
C THR E 27 20.78 -18.05 -22.94
N THR E 28 19.55 -18.27 -23.34
CA THR E 28 18.57 -18.95 -22.51
C THR E 28 17.80 -20.02 -23.26
N ILE E 29 17.65 -21.22 -22.70
CA ILE E 29 16.81 -22.26 -23.29
C ILE E 29 15.81 -22.78 -22.27
N ASN E 30 14.51 -22.77 -22.54
CA ASN E 30 13.55 -23.36 -21.62
C ASN E 30 13.41 -24.86 -21.83
N TYR E 31 13.63 -25.56 -20.74
CA TYR E 31 13.60 -27.00 -20.72
C TYR E 31 12.23 -27.62 -20.44
N TYR E 32 11.33 -26.83 -19.89
CA TYR E 32 10.03 -27.34 -19.49
C TYR E 32 8.81 -26.82 -20.23
N ARG E 33 7.77 -27.66 -20.39
CA ARG E 33 6.51 -27.24 -21.02
C ARG E 33 5.69 -26.22 -20.26
N ASP E 34 5.72 -26.19 -18.93
CA ASP E 34 4.92 -25.22 -18.19
C ASP E 34 5.60 -23.89 -17.93
N SER E 35 5.03 -22.75 -18.35
CA SER E 35 5.59 -21.41 -18.07
C SER E 35 5.99 -21.14 -16.64
N ALA E 36 5.28 -21.70 -15.69
CA ALA E 36 5.61 -21.57 -14.28
C ALA E 36 7.04 -22.00 -13.95
N SER E 37 7.51 -23.05 -14.63
CA SER E 37 8.86 -23.55 -14.46
C SER E 37 9.98 -22.63 -14.92
N ASN E 38 9.62 -21.64 -15.72
CA ASN E 38 10.62 -20.73 -16.25
C ASN E 38 11.22 -19.73 -15.29
N ALA E 39 12.50 -19.43 -15.47
CA ALA E 39 13.13 -18.37 -14.70
C ALA E 39 12.52 -16.99 -14.93
N ALA E 40 12.90 -15.99 -14.16
CA ALA E 40 12.40 -14.66 -14.40
C ALA E 40 13.22 -13.96 -15.47
N SER E 41 12.59 -13.50 -16.53
CA SER E 41 13.28 -12.75 -17.59
C SER E 41 14.04 -11.49 -17.22
N LYS E 42 13.47 -10.76 -16.25
CA LYS E 42 13.89 -9.43 -15.78
C LYS E 42 13.85 -8.36 -16.87
N GLN E 43 13.31 -8.67 -18.05
CA GLN E 43 13.17 -7.70 -19.11
C GLN E 43 11.84 -7.00 -18.91
N ASP E 44 11.84 -6.14 -17.90
CA ASP E 44 10.62 -5.47 -17.51
C ASP E 44 10.32 -4.06 -17.97
N PHE E 45 9.05 -3.71 -18.04
CA PHE E 45 8.67 -2.38 -18.45
C PHE E 45 8.31 -1.38 -17.38
N SER E 46 8.61 -0.12 -17.66
CA SER E 46 8.29 0.97 -16.75
C SER E 46 7.08 1.74 -17.21
N GLN E 47 6.33 2.30 -16.28
CA GLN E 47 5.19 3.11 -16.69
C GLN E 47 5.21 4.47 -16.03
N ASP E 48 4.42 5.39 -16.51
CA ASP E 48 4.38 6.70 -15.91
C ASP E 48 3.44 6.81 -14.69
N PRO E 49 3.81 7.47 -13.56
CA PRO E 49 3.09 7.39 -12.31
C PRO E 49 1.71 8.08 -12.26
N SER E 50 1.34 8.80 -13.33
CA SER E 50 0.10 9.56 -13.42
C SER E 50 -1.17 9.06 -12.76
N LYS E 51 -1.51 7.77 -12.89
CA LYS E 51 -2.71 7.26 -12.22
C LYS E 51 -2.71 7.35 -10.70
N PHE E 52 -1.53 7.52 -10.12
CA PHE E 52 -1.37 7.71 -8.70
C PHE E 52 -1.02 9.16 -8.38
N THR E 53 -0.13 9.76 -9.14
CA THR E 53 0.32 11.14 -8.88
C THR E 53 -0.55 12.27 -9.40
N GLU E 54 -1.19 12.06 -10.51
CA GLU E 54 -2.11 13.03 -11.08
C GLU E 54 -3.51 12.48 -11.41
N PRO E 55 -4.30 11.88 -10.51
CA PRO E 55 -5.55 11.20 -10.84
C PRO E 55 -6.69 12.18 -11.08
N ILE E 56 -6.43 13.44 -11.37
CA ILE E 56 -7.48 14.43 -11.54
C ILE E 56 -8.12 14.36 -12.91
N LYS E 57 -9.39 14.69 -13.02
CA LYS E 57 -10.08 14.66 -14.29
C LYS E 57 -9.56 15.68 -15.28
N ASP E 58 -9.40 16.95 -14.92
CA ASP E 58 -8.83 17.91 -15.85
C ASP E 58 -7.31 17.93 -15.83
N VAL E 59 -6.61 17.43 -16.86
CA VAL E 59 -5.14 17.49 -16.97
C VAL E 59 -4.43 18.76 -16.45
N LEU E 60 -3.48 18.59 -15.54
CA LEU E 60 -2.80 19.77 -14.99
C LEU E 60 -1.62 20.32 -15.78
N ILE E 61 -1.49 21.64 -15.92
CA ILE E 61 -0.30 22.21 -16.52
C ILE E 61 0.58 22.76 -15.40
N LYS E 62 1.75 22.17 -15.05
CA LYS E 62 2.53 22.67 -13.91
C LYS E 62 2.90 24.14 -13.83
N THR E 63 2.97 24.88 -14.94
CA THR E 63 3.25 26.31 -14.89
C THR E 63 2.04 27.21 -14.62
N ALA E 64 0.84 26.67 -14.81
CA ALA E 64 -0.39 27.39 -14.60
C ALA E 64 -0.90 27.29 -13.16
N PRO E 65 -1.78 28.16 -12.61
CA PRO E 65 -2.40 27.94 -11.31
C PRO E 65 -3.18 26.64 -11.22
N MET E 66 -2.87 25.77 -10.27
CA MET E 66 -3.63 24.53 -10.06
C MET E 66 -5.14 24.77 -9.91
N LEU E 67 -5.49 25.87 -9.26
CA LEU E 67 -6.87 26.28 -9.13
C LEU E 67 -7.22 27.59 -9.79
N ASN E 68 -8.19 27.48 -10.67
CA ASN E 68 -8.63 28.58 -11.48
C ASN E 68 -10.14 28.53 -11.69
C1 J77 F . 4.64 -30.43 -3.96
C2 J77 F . 3.83 -29.15 -3.94
C3 J77 F . 2.87 -28.87 -4.90
C4 J77 F . 2.14 -27.68 -4.79
C5 J77 F . 2.39 -26.80 -3.73
N4 J77 F . 3.35 -27.15 -2.84
N3 J77 F . 4.06 -28.30 -2.94
N6 J77 F . 1.70 -25.68 -3.57
C7 J77 F . 0.53 -25.37 -4.43
C8 J77 F . -0.04 -23.95 -4.27
C9 J77 F . 0.02 -23.41 -2.87
C10 J77 F . 1.43 -23.44 -2.36
C11 J77 F . 2.14 -24.78 -2.48
C12 J77 F . -0.73 -22.11 -2.65
C13 J77 F . -0.33 -20.83 -3.33
O14 J77 F . 0.69 -20.16 -2.60
C15 J77 F . 0.30 -18.97 -2.08
C16 J77 F . 0.15 -18.87 -0.71
C17 J77 F . -0.57 -17.80 -0.17
C18 J77 F . -1.15 -16.85 -0.99
C19 J77 F . -0.97 -16.96 -2.37
C20 J77 F . -0.24 -18.01 -2.92
C21 J77 F . -2.11 -15.98 -0.50
O22 J77 F . -2.60 -15.13 -1.25
O23 J77 F . -2.47 -16.07 0.89
C24 J77 F . -3.44 -15.19 1.39
C25 J77 F . -4.92 -15.07 0.89
C1 MYR G . 16.22 -24.31 -30.13
O1 MYR G . 16.27 -24.50 -28.93
C2 MYR G . 17.06 -25.13 -31.08
C3 MYR G . 18.50 -25.34 -30.63
C4 MYR G . 18.64 -26.27 -29.42
C5 MYR G . 20.12 -26.43 -29.05
C6 MYR G . 20.35 -27.51 -28.00
C7 MYR G . 19.78 -27.09 -26.65
C8 MYR G . 20.53 -27.74 -25.46
C9 MYR G . 19.91 -29.04 -25.01
C10 MYR G . 18.50 -28.80 -24.48
C11 MYR G . 17.85 -30.16 -24.40
C12 MYR G . 16.36 -30.08 -24.11
C13 MYR G . 16.08 -29.68 -22.68
C14 MYR G . 14.70 -30.20 -22.26
#